data_2HIG
#
_entry.id   2HIG
#
_cell.length_a   118.765
_cell.length_b   92.497
_cell.length_c   79.534
_cell.angle_alpha   90.00
_cell.angle_beta   90.00
_cell.angle_gamma   90.00
#
_symmetry.space_group_name_H-M   'P 21 21 2'
#
loop_
_entity.id
_entity.type
_entity.pdbx_description
1 polymer 6-phospho-1-fructokinase
2 non-polymer 'SODIUM ION'
3 water water
#
_entity_poly.entity_id   1
_entity_poly.type   'polypeptide(L)'
_entity_poly.pdbx_seq_one_letter_code
;MAVESRSRVTSKLVKAHRAMLNSVTQEDLKVDRLPGADYPNPSKKYSSRTEFRDKTDYIMYNPRPRDEPSSENPVSVSPL
LCELAAARSRIHFNPTETTIGIVTCGGICPGLNDVIRSITLTGINVYNVKRVIGFRFGYWGLSKKGSQTAIELHRGRVTN
IHHYGGTILGSSRGPQDPKEMVDTLERLGVNILFTVGGDGTQRGALVISQEAKRRGVDISVFGVPKTIDNDLSFSHRTFG
FQTAVEKAVQAIRAAYAEAVSANYGVGVVKLMGRDSGFIAAQAAVASAQANICLVPENPISEQEVMSLLERRFCHSRSCV
IIVAEGFGQDWGRGSGGYDASGNKKLIDIGVILTEKVKAFLKANKSRYPDSTVKYIDPSYMIRACPPSANDALFCATLAT
LAVHEAMAGATGCIIAMRHNNYILVPIKVATSVRRVLDLRGQLWRQVREITVDLGSDVRLARKLEIRRELEAINRNRDRL
HEELAKL
;
_entity_poly.pdbx_strand_id   A,B
#
# COMPACT_ATOMS: atom_id res chain seq x y z
N VAL A 9 -15.33 -6.27 6.45
CA VAL A 9 -14.49 -5.48 5.49
C VAL A 9 -14.17 -4.10 6.05
N THR A 10 -12.92 -3.68 5.84
CA THR A 10 -12.43 -2.39 6.34
C THR A 10 -13.19 -1.11 5.98
N SER A 11 -13.77 -1.05 4.79
CA SER A 11 -14.51 0.15 4.41
C SER A 11 -15.80 -0.16 3.68
N LYS A 12 -16.49 0.90 3.25
CA LYS A 12 -17.75 0.77 2.54
C LYS A 12 -18.00 1.99 1.66
N LEU A 13 -19.04 1.91 0.82
CA LEU A 13 -19.38 3.00 -0.08
C LEU A 13 -20.70 3.66 0.29
N VAL A 14 -20.72 4.98 0.29
CA VAL A 14 -21.91 5.75 0.62
C VAL A 14 -22.07 6.91 -0.37
N LYS A 15 -23.29 7.35 -0.59
CA LYS A 15 -23.55 8.44 -1.52
C LYS A 15 -22.95 9.74 -1.00
N ALA A 16 -22.42 10.55 -1.91
CA ALA A 16 -21.83 11.83 -1.53
C ALA A 16 -22.95 12.82 -1.28
N HIS A 17 -22.70 13.77 -0.39
CA HIS A 17 -23.70 14.77 -0.02
C HIS A 17 -23.64 15.97 -0.98
N ARG A 18 -23.59 15.67 -2.28
CA ARG A 18 -23.52 16.70 -3.32
C ARG A 18 -23.39 15.99 -4.67
N ALA A 19 -23.67 14.68 -4.65
CA ALA A 19 -23.58 13.82 -5.82
C ALA A 19 -24.24 14.32 -7.10
N MET A 20 -23.60 14.02 -8.23
CA MET A 20 -24.13 14.40 -9.54
C MET A 20 -25.12 13.33 -9.97
N LEU A 21 -24.86 12.10 -9.52
CA LEU A 21 -25.71 10.96 -9.83
C LEU A 21 -26.51 10.55 -8.61
N ASN A 22 -27.77 10.19 -8.82
CA ASN A 22 -28.65 9.78 -7.74
C ASN A 22 -28.43 8.31 -7.44
N SER A 23 -28.13 7.56 -8.49
CA SER A 23 -27.87 6.13 -8.37
C SER A 23 -26.95 5.72 -9.52
N VAL A 24 -25.98 4.86 -9.21
CA VAL A 24 -25.02 4.41 -10.20
C VAL A 24 -25.44 3.13 -10.91
N THR A 25 -25.53 3.21 -12.23
CA THR A 25 -25.91 2.07 -13.05
C THR A 25 -24.74 1.76 -13.96
N GLN A 26 -24.71 0.55 -14.50
CA GLN A 26 -23.63 0.14 -15.39
C GLN A 26 -23.32 1.20 -16.44
N GLU A 27 -24.36 1.92 -16.87
CA GLU A 27 -24.17 2.96 -17.88
C GLU A 27 -23.36 4.14 -17.34
N ASP A 28 -23.61 4.53 -16.09
CA ASP A 28 -22.88 5.62 -15.49
C ASP A 28 -21.39 5.28 -15.40
N LEU A 29 -21.08 3.98 -15.37
CA LEU A 29 -19.69 3.49 -15.27
C LEU A 29 -18.98 3.33 -16.61
N LYS A 30 -19.73 3.54 -17.70
CA LYS A 30 -19.16 3.41 -19.04
C LYS A 30 -18.23 4.59 -19.29
N VAL A 31 -16.97 4.31 -19.64
CA VAL A 31 -16.00 5.37 -19.88
C VAL A 31 -16.11 5.93 -21.29
N ASP A 32 -16.15 7.26 -21.39
CA ASP A 32 -16.23 7.92 -22.70
C ASP A 32 -14.93 7.77 -23.46
N ARG A 33 -15.04 7.62 -24.77
CA ARG A 33 -13.87 7.47 -25.61
C ARG A 33 -14.01 8.42 -26.78
N LEU A 34 -12.96 9.21 -27.03
CA LEU A 34 -12.99 10.11 -28.16
C LEU A 34 -13.20 9.20 -29.38
N PRO A 35 -13.95 9.67 -30.39
CA PRO A 35 -14.17 8.84 -31.57
C PRO A 35 -12.96 8.52 -32.43
N GLY A 36 -12.68 7.22 -32.57
CA GLY A 36 -11.58 6.76 -33.40
C GLY A 36 -10.30 6.27 -32.74
N ALA A 37 -9.73 5.22 -33.33
CA ALA A 37 -8.49 4.61 -32.86
C ALA A 37 -7.70 4.23 -34.11
N ASP A 38 -7.35 5.24 -34.91
CA ASP A 38 -6.66 5.05 -36.17
C ASP A 38 -5.14 4.92 -36.09
N TYR A 39 -4.59 4.67 -34.90
CA TYR A 39 -3.13 4.57 -34.81
C TYR A 39 -2.63 3.40 -33.98
N PRO A 40 -1.58 2.72 -34.47
CA PRO A 40 -1.03 1.59 -33.73
C PRO A 40 -0.20 2.18 -32.60
N ASN A 41 -0.09 1.46 -31.49
CA ASN A 41 0.70 1.99 -30.37
C ASN A 41 2.17 1.99 -30.78
N PRO A 42 2.83 3.15 -30.71
CA PRO A 42 4.24 3.28 -31.08
C PRO A 42 5.19 2.34 -30.33
N SER A 43 4.69 1.73 -29.26
CA SER A 43 5.49 0.80 -28.48
C SER A 43 5.16 -0.66 -28.78
N LYS A 44 4.03 -0.90 -29.43
CA LYS A 44 3.61 -2.27 -29.75
C LYS A 44 4.40 -2.86 -30.90
N LYS A 45 5.02 -4.01 -30.65
CA LYS A 45 5.78 -4.74 -31.66
C LYS A 45 5.28 -6.18 -31.61
N TYR A 46 5.43 -6.93 -32.70
CA TYR A 46 4.95 -8.32 -32.75
C TYR A 46 5.30 -9.15 -31.51
N SER A 47 6.53 -9.02 -31.04
CA SER A 47 6.99 -9.76 -29.88
C SER A 47 6.21 -9.40 -28.60
N SER A 48 5.95 -8.12 -28.40
CA SER A 48 5.22 -7.65 -27.22
C SER A 48 3.75 -7.37 -27.48
N ARG A 49 3.23 -7.80 -28.62
CA ARG A 49 1.84 -7.58 -28.93
C ARG A 49 0.96 -8.09 -27.79
N THR A 50 1.43 -9.16 -27.15
CA THR A 50 0.73 -9.79 -26.03
C THR A 50 0.46 -8.80 -24.90
N GLU A 51 1.33 -7.80 -24.79
CA GLU A 51 1.22 -6.78 -23.74
C GLU A 51 0.22 -5.65 -23.99
N PHE A 52 -0.45 -5.67 -25.13
CA PHE A 52 -1.39 -4.61 -25.45
C PHE A 52 -2.82 -5.07 -25.61
N ARG A 53 -3.74 -4.38 -24.96
CA ARG A 53 -5.16 -4.72 -25.01
C ARG A 53 -5.85 -4.43 -26.34
N ASP A 54 -6.64 -5.39 -26.82
CA ASP A 54 -7.39 -5.25 -28.06
C ASP A 54 -8.83 -4.85 -27.73
N LYS A 55 -9.33 -5.41 -26.64
CA LYS A 55 -10.69 -5.14 -26.18
C LYS A 55 -10.64 -4.64 -24.75
N THR A 56 -11.73 -4.02 -24.31
CA THR A 56 -11.82 -3.53 -22.95
C THR A 56 -12.08 -4.69 -21.98
N ASP A 57 -11.18 -4.87 -21.02
CA ASP A 57 -11.34 -5.91 -20.01
C ASP A 57 -11.92 -5.27 -18.77
N TYR A 58 -12.68 -6.04 -18.01
CA TYR A 58 -13.34 -5.55 -16.82
C TYR A 58 -12.98 -6.28 -15.54
N ILE A 59 -13.47 -5.76 -14.42
CA ILE A 59 -13.25 -6.36 -13.13
C ILE A 59 -14.49 -6.04 -12.33
N MET A 60 -14.93 -6.97 -11.49
CA MET A 60 -16.11 -6.75 -10.67
C MET A 60 -15.99 -5.54 -9.76
N TYR A 61 -17.13 -4.91 -9.50
CA TYR A 61 -17.19 -3.74 -8.64
C TYR A 61 -17.18 -4.24 -7.21
N ASN A 62 -17.89 -5.34 -6.99
CA ASN A 62 -18.01 -5.97 -5.68
C ASN A 62 -17.75 -7.46 -5.88
N PRO A 63 -16.52 -7.92 -5.59
CA PRO A 63 -16.16 -9.33 -5.76
C PRO A 63 -16.80 -10.27 -4.74
N ARG A 64 -17.87 -9.83 -4.08
CA ARG A 64 -18.56 -10.68 -3.11
C ARG A 64 -19.58 -11.53 -3.87
N PRO A 65 -19.64 -12.83 -3.57
CA PRO A 65 -20.60 -13.71 -4.26
C PRO A 65 -21.96 -13.72 -3.56
N ARG A 66 -22.97 -14.25 -4.26
CA ARG A 66 -24.31 -14.35 -3.70
C ARG A 66 -24.50 -15.77 -3.17
N ASP A 67 -24.01 -16.74 -3.94
CA ASP A 67 -24.12 -18.15 -3.57
C ASP A 67 -25.58 -18.56 -3.35
N ASN A 73 -19.63 -21.48 -10.88
CA ASN A 73 -18.84 -20.30 -10.57
C ASN A 73 -19.69 -19.25 -9.86
N PRO A 74 -19.07 -18.50 -8.94
CA PRO A 74 -19.77 -17.47 -8.16
C PRO A 74 -20.22 -16.25 -8.96
N VAL A 75 -21.31 -15.63 -8.52
CA VAL A 75 -21.84 -14.46 -9.18
C VAL A 75 -21.76 -13.30 -8.19
N SER A 76 -21.43 -12.12 -8.70
CA SER A 76 -21.29 -10.95 -7.85
C SER A 76 -22.61 -10.46 -7.27
N VAL A 77 -22.54 -9.87 -6.08
CA VAL A 77 -23.72 -9.34 -5.43
C VAL A 77 -24.17 -8.12 -6.21
N SER A 78 -23.26 -7.58 -7.00
CA SER A 78 -23.53 -6.40 -7.80
C SER A 78 -23.38 -6.64 -9.30
N PRO A 79 -24.17 -5.92 -10.11
CA PRO A 79 -24.15 -6.04 -11.56
C PRO A 79 -23.07 -5.15 -12.18
N LEU A 80 -22.56 -4.22 -11.36
CA LEU A 80 -21.55 -3.28 -11.82
C LEU A 80 -20.20 -3.86 -12.19
N LEU A 81 -19.60 -3.29 -13.24
CA LEU A 81 -18.28 -3.70 -13.72
C LEU A 81 -17.48 -2.44 -14.02
N CYS A 82 -16.21 -2.44 -13.65
CA CYS A 82 -15.34 -1.31 -13.90
C CYS A 82 -14.35 -1.65 -15.00
N GLU A 83 -14.03 -0.67 -15.83
CA GLU A 83 -13.09 -0.86 -16.93
C GLU A 83 -11.66 -0.82 -16.39
N LEU A 84 -10.85 -1.80 -16.76
CA LEU A 84 -9.47 -1.86 -16.31
C LEU A 84 -8.57 -0.97 -17.17
N ALA A 85 -7.64 -0.27 -16.54
CA ALA A 85 -6.73 0.58 -17.29
C ALA A 85 -5.57 -0.27 -17.81
N ALA A 86 -5.08 0.07 -19.00
CA ALA A 86 -4.00 -0.67 -19.62
C ALA A 86 -3.55 -0.06 -20.94
N ALA A 87 -2.35 -0.41 -21.37
CA ALA A 87 -1.81 0.06 -22.65
C ALA A 87 -2.69 -0.57 -23.74
N ARG A 88 -3.02 0.20 -24.78
CA ARG A 88 -3.87 -0.31 -25.84
C ARG A 88 -3.12 -0.50 -27.15
N SER A 89 -3.55 -1.49 -27.95
CA SER A 89 -2.89 -1.75 -29.22
C SER A 89 -3.18 -0.65 -30.24
N ARG A 90 -4.39 -0.11 -30.22
CA ARG A 90 -4.74 0.99 -31.13
C ARG A 90 -5.03 2.21 -30.26
N ILE A 91 -4.56 3.38 -30.69
CA ILE A 91 -4.77 4.61 -29.93
C ILE A 91 -5.48 5.70 -30.73
N HIS A 92 -6.05 6.66 -30.02
CA HIS A 92 -6.79 7.74 -30.65
C HIS A 92 -5.99 8.90 -31.23
N PHE A 93 -4.98 9.34 -30.51
CA PHE A 93 -4.15 10.47 -30.95
C PHE A 93 -2.90 10.02 -31.71
N ASN A 94 -2.48 10.86 -32.64
CA ASN A 94 -1.27 10.61 -33.45
C ASN A 94 -0.09 11.00 -32.54
N PRO A 95 0.63 10.01 -32.01
CA PRO A 95 1.78 10.22 -31.12
C PRO A 95 2.64 11.46 -31.35
N THR A 96 3.47 11.42 -32.40
CA THR A 96 4.39 12.50 -32.73
C THR A 96 3.71 13.85 -32.93
N GLU A 97 2.39 13.86 -32.96
CA GLU A 97 1.65 15.09 -33.14
C GLU A 97 0.81 15.56 -31.92
N THR A 98 0.65 14.74 -30.89
CA THR A 98 -0.17 15.17 -29.77
C THR A 98 0.56 16.04 -28.76
N THR A 99 -0.19 16.98 -28.20
CA THR A 99 0.34 17.90 -27.21
C THR A 99 -0.38 17.63 -25.90
N ILE A 100 0.40 17.31 -24.88
CA ILE A 100 -0.12 17.01 -23.56
C ILE A 100 -0.01 18.21 -22.61
N GLY A 101 -1.07 18.46 -21.86
CA GLY A 101 -1.07 19.54 -20.90
C GLY A 101 -1.24 19.01 -19.49
N ILE A 102 -0.74 19.75 -18.50
CA ILE A 102 -0.84 19.32 -17.12
C ILE A 102 -1.10 20.49 -16.21
N VAL A 103 -1.95 20.29 -15.21
CA VAL A 103 -2.25 21.32 -14.24
C VAL A 103 -2.59 20.64 -12.93
N THR A 104 -2.09 21.20 -11.82
CA THR A 104 -2.34 20.68 -10.48
C THR A 104 -3.18 21.68 -9.70
N CYS A 105 -4.36 21.26 -9.26
CA CYS A 105 -5.26 22.14 -8.53
C CYS A 105 -5.61 21.70 -7.12
N GLY A 106 -6.05 22.64 -6.29
CA GLY A 106 -6.42 22.33 -4.92
C GLY A 106 -5.24 22.52 -4.00
N GLY A 107 -5.31 21.94 -2.81
CA GLY A 107 -4.20 22.06 -1.89
C GLY A 107 -3.12 21.07 -2.31
N ILE A 108 -1.88 21.27 -1.88
CA ILE A 108 -0.84 20.32 -2.25
C ILE A 108 -0.83 19.11 -1.32
N CYS A 109 -0.23 18.02 -1.79
CA CYS A 109 -0.10 16.81 -1.02
C CYS A 109 1.11 16.08 -1.60
N PRO A 110 1.72 15.14 -0.85
CA PRO A 110 2.90 14.42 -1.34
C PRO A 110 2.65 13.65 -2.62
N GLY A 111 3.60 13.74 -3.56
CA GLY A 111 3.46 13.02 -4.81
C GLY A 111 3.07 13.79 -6.07
N LEU A 112 2.75 15.08 -5.95
CA LEU A 112 2.37 15.87 -7.13
C LEU A 112 3.50 15.92 -8.18
N ASN A 113 4.72 16.19 -7.74
CA ASN A 113 5.85 16.24 -8.68
C ASN A 113 6.13 14.87 -9.32
N ASP A 114 5.87 13.81 -8.60
CA ASP A 114 6.09 12.48 -9.16
C ASP A 114 5.09 12.24 -10.29
N VAL A 115 3.85 12.68 -10.09
CA VAL A 115 2.82 12.54 -11.11
C VAL A 115 3.19 13.40 -12.34
N ILE A 116 3.66 14.63 -12.10
CA ILE A 116 4.04 15.52 -13.21
C ILE A 116 5.20 14.91 -14.00
N ARG A 117 6.16 14.37 -13.28
CA ARG A 117 7.33 13.74 -13.88
C ARG A 117 6.96 12.49 -14.69
N SER A 118 6.18 11.60 -14.10
CA SER A 118 5.79 10.38 -14.81
C SER A 118 4.91 10.63 -16.02
N ILE A 119 3.99 11.60 -15.93
CA ILE A 119 3.16 11.92 -17.09
C ILE A 119 4.11 12.43 -18.18
N THR A 120 4.98 13.36 -17.82
CA THR A 120 5.92 13.93 -18.78
C THR A 120 6.82 12.89 -19.46
N LEU A 121 7.53 12.09 -18.67
CA LEU A 121 8.43 11.09 -19.25
C LEU A 121 7.72 9.99 -20.03
N THR A 122 6.53 9.59 -19.60
CA THR A 122 5.80 8.56 -20.34
C THR A 122 5.41 9.12 -21.72
N GLY A 123 4.95 10.37 -21.74
CA GLY A 123 4.55 10.97 -23.01
C GLY A 123 5.71 11.10 -23.98
N ILE A 124 6.84 11.60 -23.48
CA ILE A 124 8.03 11.78 -24.31
C ILE A 124 8.74 10.46 -24.68
N ASN A 125 9.07 9.63 -23.67
CA ASN A 125 9.79 8.37 -23.92
C ASN A 125 9.03 7.25 -24.59
N VAL A 126 7.79 7.01 -24.15
CA VAL A 126 6.98 5.94 -24.70
C VAL A 126 6.12 6.30 -25.89
N TYR A 127 5.68 7.56 -25.97
CA TYR A 127 4.83 7.97 -27.07
C TYR A 127 5.46 8.98 -28.04
N ASN A 128 6.68 9.42 -27.72
CA ASN A 128 7.38 10.36 -28.58
C ASN A 128 6.47 11.53 -28.93
N VAL A 129 5.76 11.95 -27.89
CA VAL A 129 4.81 13.05 -27.95
C VAL A 129 5.50 14.34 -28.46
N LYS A 130 4.75 15.22 -29.13
CA LYS A 130 5.31 16.46 -29.66
C LYS A 130 5.71 17.46 -28.61
N ARG A 131 4.96 17.50 -27.51
CA ARG A 131 5.30 18.42 -26.45
C ARG A 131 4.40 18.28 -25.23
N VAL A 132 4.94 18.64 -24.08
CA VAL A 132 4.22 18.58 -22.83
C VAL A 132 4.21 19.98 -22.24
N ILE A 133 3.01 20.45 -21.92
CA ILE A 133 2.84 21.76 -21.36
C ILE A 133 2.36 21.70 -19.92
N GLY A 134 2.93 22.56 -19.08
CA GLY A 134 2.54 22.60 -17.69
C GLY A 134 1.93 23.95 -17.36
N PHE A 135 0.67 23.95 -16.95
CA PHE A 135 -0.03 25.18 -16.60
C PHE A 135 0.20 25.54 -15.14
N ARG A 136 0.48 26.81 -14.89
CA ARG A 136 0.79 27.32 -13.56
C ARG A 136 -0.37 27.61 -12.61
N PHE A 137 -0.16 27.28 -11.35
CA PHE A 137 -1.11 27.53 -10.28
C PHE A 137 -2.57 27.14 -10.51
N GLY A 138 -2.82 25.86 -10.77
CA GLY A 138 -4.21 25.45 -10.96
C GLY A 138 -4.87 26.08 -12.16
N TYR A 139 -6.20 25.97 -12.23
CA TYR A 139 -6.96 26.49 -13.36
C TYR A 139 -6.66 27.94 -13.74
N TRP A 140 -6.13 28.71 -12.79
CA TRP A 140 -5.80 30.09 -13.09
C TRP A 140 -4.81 30.12 -14.25
N GLY A 141 -3.91 29.14 -14.28
CA GLY A 141 -2.92 29.06 -15.34
C GLY A 141 -3.53 28.80 -16.70
N LEU A 142 -4.83 28.52 -16.72
CA LEU A 142 -5.53 28.27 -17.98
C LEU A 142 -6.44 29.43 -18.33
N SER A 143 -6.41 30.48 -17.52
CA SER A 143 -7.24 31.65 -17.79
C SER A 143 -6.48 32.47 -18.85
N LYS A 144 -7.16 33.42 -19.47
CA LYS A 144 -6.52 34.24 -20.50
C LYS A 144 -5.25 34.89 -19.96
N LYS A 145 -5.34 35.47 -18.77
CA LYS A 145 -4.17 36.11 -18.18
C LYS A 145 -3.13 35.07 -17.77
N GLY A 146 -3.57 34.04 -17.06
CA GLY A 146 -2.68 32.99 -16.60
C GLY A 146 -1.97 32.18 -17.67
N SER A 147 -2.66 31.86 -18.75
CA SER A 147 -2.07 31.09 -19.85
C SER A 147 -0.67 31.60 -20.17
N GLN A 148 -0.51 32.90 -20.01
CA GLN A 148 0.75 33.59 -20.28
C GLN A 148 1.95 32.99 -19.55
N THR A 149 1.69 32.33 -18.43
CA THR A 149 2.76 31.76 -17.62
C THR A 149 3.04 30.27 -17.84
N ALA A 150 2.35 29.67 -18.81
CA ALA A 150 2.53 28.25 -19.12
C ALA A 150 3.98 27.92 -19.44
N ILE A 151 4.50 26.82 -18.90
CA ILE A 151 5.88 26.45 -19.18
C ILE A 151 5.97 25.17 -19.98
N GLU A 152 7.13 24.97 -20.59
CA GLU A 152 7.33 23.76 -21.38
C GLU A 152 8.09 22.75 -20.53
N LEU A 153 7.47 21.61 -20.30
CA LEU A 153 8.10 20.56 -19.51
C LEU A 153 8.83 19.61 -20.45
N HIS A 154 10.10 19.36 -20.16
CA HIS A 154 10.92 18.48 -20.97
C HIS A 154 11.73 17.60 -20.04
N ARG A 155 12.28 16.51 -20.58
CA ARG A 155 13.10 15.57 -19.81
C ARG A 155 13.94 16.22 -18.73
N GLY A 156 14.68 17.27 -19.11
CA GLY A 156 15.55 17.94 -18.17
C GLY A 156 14.89 18.74 -17.07
N ARG A 157 13.66 19.17 -17.28
CA ARG A 157 12.95 19.97 -16.30
C ARG A 157 12.29 19.13 -15.19
N VAL A 158 12.02 17.86 -15.48
CA VAL A 158 11.35 17.01 -14.51
C VAL A 158 12.21 15.89 -13.92
N THR A 159 13.48 15.84 -14.29
CA THR A 159 14.34 14.77 -13.82
C THR A 159 14.47 14.56 -12.30
N ASN A 160 14.57 15.64 -11.52
CA ASN A 160 14.71 15.50 -10.07
C ASN A 160 13.65 16.21 -9.21
N ILE A 161 12.48 16.50 -9.78
CA ILE A 161 11.45 17.18 -9.02
C ILE A 161 10.74 16.27 -8.01
N HIS A 162 10.71 14.97 -8.29
CA HIS A 162 10.06 14.02 -7.41
C HIS A 162 10.72 13.96 -6.03
N HIS A 163 11.80 14.70 -5.85
CA HIS A 163 12.50 14.71 -4.57
C HIS A 163 12.01 15.86 -3.68
N TYR A 164 11.04 16.63 -4.17
CA TYR A 164 10.53 17.76 -3.42
C TYR A 164 9.03 17.72 -3.20
N GLY A 165 8.61 18.39 -2.14
CA GLY A 165 7.20 18.47 -1.83
C GLY A 165 6.58 19.55 -2.67
N GLY A 166 5.26 19.65 -2.65
CA GLY A 166 4.58 20.65 -3.44
C GLY A 166 4.49 20.29 -4.92
N THR A 167 4.28 21.31 -5.74
CA THR A 167 4.18 21.15 -7.18
C THR A 167 4.98 22.26 -7.84
N ILE A 168 5.85 21.90 -8.77
CA ILE A 168 6.68 22.90 -9.44
C ILE A 168 5.83 23.73 -10.38
N LEU A 169 4.63 23.25 -10.66
CA LEU A 169 3.72 23.97 -11.55
C LEU A 169 2.96 24.97 -10.70
N GLY A 170 2.83 24.66 -9.42
CA GLY A 170 2.07 25.53 -8.54
C GLY A 170 0.62 25.10 -8.58
N SER A 171 -0.16 25.58 -7.65
CA SER A 171 -1.57 25.22 -7.59
C SER A 171 -2.41 26.40 -7.11
N SER A 172 -3.72 26.21 -7.06
CA SER A 172 -4.63 27.25 -6.58
C SER A 172 -6.00 26.61 -6.49
N ARG A 173 -6.88 27.20 -5.69
CA ARG A 173 -8.22 26.67 -5.52
C ARG A 173 -9.21 27.49 -6.32
N GLY A 174 -10.33 26.88 -6.69
CA GLY A 174 -11.34 27.60 -7.44
C GLY A 174 -11.29 27.43 -8.94
N PRO A 175 -12.44 27.37 -9.60
CA PRO A 175 -12.47 27.20 -11.05
C PRO A 175 -12.27 28.52 -11.78
N GLN A 176 -12.23 28.48 -13.10
CA GLN A 176 -12.07 29.67 -13.92
C GLN A 176 -13.13 29.58 -15.02
N ASP A 177 -13.33 30.67 -15.76
CA ASP A 177 -14.31 30.66 -16.83
C ASP A 177 -13.98 29.55 -17.83
N PRO A 178 -14.87 28.55 -17.95
CA PRO A 178 -14.72 27.41 -18.86
C PRO A 178 -14.40 27.83 -20.30
N LYS A 179 -15.03 28.92 -20.72
CA LYS A 179 -14.84 29.44 -22.07
C LYS A 179 -13.40 29.86 -22.26
N GLU A 180 -12.83 30.47 -21.23
CA GLU A 180 -11.45 30.92 -21.30
C GLU A 180 -10.45 29.77 -21.32
N MET A 181 -10.65 28.79 -20.44
CA MET A 181 -9.77 27.65 -20.33
C MET A 181 -9.66 26.82 -21.61
N VAL A 182 -10.79 26.55 -22.26
CA VAL A 182 -10.75 25.78 -23.49
C VAL A 182 -10.19 26.64 -24.61
N ASP A 183 -10.36 27.96 -24.48
CA ASP A 183 -9.82 28.88 -25.46
C ASP A 183 -8.30 28.73 -25.49
N THR A 184 -7.67 28.67 -24.33
CA THR A 184 -6.22 28.54 -24.29
C THR A 184 -5.78 27.14 -24.72
N LEU A 185 -6.56 26.12 -24.38
CA LEU A 185 -6.22 24.76 -24.79
C LEU A 185 -6.19 24.68 -26.31
N GLU A 186 -7.12 25.33 -27.00
CA GLU A 186 -7.12 25.31 -28.46
C GLU A 186 -5.95 26.14 -28.96
N ARG A 187 -5.82 27.33 -28.39
CA ARG A 187 -4.77 28.25 -28.76
C ARG A 187 -3.36 27.63 -28.65
N LEU A 188 -3.19 26.65 -27.75
CA LEU A 188 -1.89 26.00 -27.56
C LEU A 188 -1.81 24.62 -28.20
N GLY A 189 -2.93 24.16 -28.76
CA GLY A 189 -2.98 22.88 -29.42
C GLY A 189 -2.98 21.66 -28.51
N VAL A 190 -3.51 21.80 -27.31
CA VAL A 190 -3.56 20.71 -26.35
C VAL A 190 -4.54 19.61 -26.73
N ASN A 191 -4.06 18.37 -26.75
CA ASN A 191 -4.91 17.22 -27.09
C ASN A 191 -5.36 16.46 -25.86
N ILE A 192 -4.52 16.44 -24.84
CA ILE A 192 -4.83 15.75 -23.60
C ILE A 192 -4.47 16.66 -22.45
N LEU A 193 -5.44 16.86 -21.55
CA LEU A 193 -5.25 17.69 -20.38
C LEU A 193 -5.40 16.82 -19.13
N PHE A 194 -4.33 16.69 -18.36
CA PHE A 194 -4.38 15.90 -17.14
C PHE A 194 -4.71 16.84 -15.99
N THR A 195 -5.78 16.51 -15.26
CA THR A 195 -6.19 17.31 -14.12
C THR A 195 -5.87 16.55 -12.83
N VAL A 196 -4.84 17.02 -12.15
CA VAL A 196 -4.37 16.41 -10.91
C VAL A 196 -4.99 17.19 -9.77
N GLY A 197 -5.76 16.51 -8.92
CA GLY A 197 -6.41 17.16 -7.81
C GLY A 197 -7.64 16.43 -7.30
N GLY A 198 -8.40 17.09 -6.43
CA GLY A 198 -9.57 16.46 -5.85
C GLY A 198 -10.94 16.63 -6.47
N ASP A 199 -11.95 16.54 -5.61
CA ASP A 199 -13.35 16.65 -5.99
C ASP A 199 -13.67 17.84 -6.87
N GLY A 200 -13.32 19.05 -6.41
CA GLY A 200 -13.58 20.24 -7.18
C GLY A 200 -12.77 20.25 -8.45
N THR A 201 -11.52 19.80 -8.34
CA THR A 201 -10.61 19.73 -9.47
C THR A 201 -11.23 18.91 -10.60
N GLN A 202 -11.79 17.77 -10.24
CA GLN A 202 -12.40 16.90 -11.25
C GLN A 202 -13.74 17.40 -11.74
N ARG A 203 -14.46 18.17 -10.92
CA ARG A 203 -15.72 18.74 -11.37
C ARG A 203 -15.39 19.76 -12.46
N GLY A 204 -14.28 20.46 -12.29
CA GLY A 204 -13.87 21.42 -13.30
C GLY A 204 -13.48 20.65 -14.55
N ALA A 205 -12.75 19.56 -14.36
CA ALA A 205 -12.32 18.71 -15.48
C ALA A 205 -13.52 18.31 -16.35
N LEU A 206 -14.62 17.91 -15.72
CA LEU A 206 -15.81 17.52 -16.46
C LEU A 206 -16.38 18.72 -17.24
N VAL A 207 -16.36 19.89 -16.61
CA VAL A 207 -16.86 21.11 -17.23
C VAL A 207 -16.00 21.46 -18.46
N ILE A 208 -14.70 21.25 -18.36
CA ILE A 208 -13.80 21.54 -19.47
C ILE A 208 -14.06 20.52 -20.58
N SER A 209 -14.19 19.26 -20.18
CA SER A 209 -14.45 18.16 -21.10
C SER A 209 -15.71 18.47 -21.89
N GLN A 210 -16.75 18.88 -21.16
CA GLN A 210 -18.02 19.22 -21.79
C GLN A 210 -17.85 20.38 -22.76
N GLU A 211 -17.23 21.46 -22.32
CA GLU A 211 -17.03 22.63 -23.18
C GLU A 211 -16.33 22.21 -24.47
N ALA A 212 -15.32 21.35 -24.33
CA ALA A 212 -14.58 20.86 -25.49
C ALA A 212 -15.50 20.02 -26.39
N LYS A 213 -16.30 19.16 -25.79
CA LYS A 213 -17.21 18.32 -26.56
C LYS A 213 -18.17 19.23 -27.32
N ARG A 214 -18.61 20.28 -26.64
CA ARG A 214 -19.53 21.27 -27.20
C ARG A 214 -18.96 21.95 -28.46
N ARG A 215 -17.65 22.17 -28.48
CA ARG A 215 -16.99 22.82 -29.61
C ARG A 215 -16.51 21.85 -30.68
N GLY A 216 -16.62 20.56 -30.43
CA GLY A 216 -16.17 19.58 -31.39
C GLY A 216 -14.66 19.54 -31.53
N VAL A 217 -13.95 19.86 -30.45
CA VAL A 217 -12.49 19.83 -30.49
C VAL A 217 -11.91 18.49 -30.03
N ASP A 218 -10.93 17.99 -30.76
CA ASP A 218 -10.31 16.70 -30.45
C ASP A 218 -9.47 16.79 -29.16
N ILE A 219 -10.14 16.86 -28.02
CA ILE A 219 -9.44 16.99 -26.73
C ILE A 219 -9.89 16.00 -25.66
N SER A 220 -8.94 15.47 -24.93
CA SER A 220 -9.27 14.56 -23.84
C SER A 220 -8.89 15.22 -22.51
N VAL A 221 -9.77 15.14 -21.52
CA VAL A 221 -9.48 15.68 -20.21
C VAL A 221 -9.52 14.42 -19.35
N PHE A 222 -8.40 14.13 -18.70
CA PHE A 222 -8.25 12.94 -17.88
C PHE A 222 -7.74 13.27 -16.48
N GLY A 223 -8.42 12.78 -15.46
CA GLY A 223 -8.03 13.08 -14.09
C GLY A 223 -7.16 12.10 -13.33
N VAL A 224 -6.21 12.66 -12.58
CA VAL A 224 -5.30 11.92 -11.74
C VAL A 224 -5.69 12.51 -10.40
N PRO A 225 -6.47 11.77 -9.62
CA PRO A 225 -6.94 12.25 -8.31
C PRO A 225 -6.06 12.10 -7.09
N LYS A 226 -6.21 13.04 -6.16
CA LYS A 226 -5.53 13.02 -4.87
C LYS A 226 -6.70 13.26 -3.92
N THR A 227 -6.68 12.67 -2.72
CA THR A 227 -7.83 12.81 -1.83
C THR A 227 -7.67 13.22 -0.38
N ILE A 228 -6.55 12.87 0.25
CA ILE A 228 -6.36 13.18 1.67
C ILE A 228 -6.80 14.58 2.15
N ASP A 229 -6.67 15.58 1.28
CA ASP A 229 -6.99 16.97 1.66
C ASP A 229 -8.34 17.55 1.20
N ASN A 230 -9.21 16.72 0.62
CA ASN A 230 -10.51 17.24 0.17
C ASN A 230 -11.62 16.20 0.34
N ASP A 231 -12.83 16.56 -0.08
CA ASP A 231 -13.99 15.69 0.06
C ASP A 231 -13.95 14.35 -0.72
N LEU A 232 -13.20 14.33 -1.83
CA LEU A 232 -13.08 13.12 -2.64
C LEU A 232 -12.54 11.93 -1.83
N SER A 233 -13.04 10.74 -2.16
CA SER A 233 -12.62 9.51 -1.48
C SER A 233 -13.27 8.33 -2.20
N PHE A 234 -12.51 7.66 -3.06
CA PHE A 234 -13.05 6.53 -3.80
C PHE A 234 -12.14 5.30 -3.89
N SER A 235 -10.91 5.48 -4.35
CA SER A 235 -9.97 4.35 -4.48
C SER A 235 -9.55 3.78 -3.14
N HIS A 236 -9.12 2.52 -3.15
CA HIS A 236 -8.66 1.86 -1.93
C HIS A 236 -7.36 2.54 -1.50
N ARG A 237 -6.67 3.13 -2.47
CA ARG A 237 -5.44 3.84 -2.20
C ARG A 237 -5.26 4.98 -3.20
N THR A 238 -4.88 6.14 -2.69
CA THR A 238 -4.65 7.32 -3.53
C THR A 238 -3.24 7.82 -3.24
N PHE A 239 -2.60 8.46 -4.22
CA PHE A 239 -1.24 8.91 -3.98
C PHE A 239 -1.13 9.95 -2.87
N GLY A 240 -0.12 9.76 -2.03
CA GLY A 240 0.11 10.68 -0.93
C GLY A 240 -0.36 10.15 0.40
N PHE A 241 -1.36 9.26 0.38
CA PHE A 241 -1.92 8.69 1.60
C PHE A 241 -0.86 8.00 2.49
N GLN A 242 -0.12 7.06 1.94
CA GLN A 242 0.89 6.37 2.73
C GLN A 242 1.90 7.29 3.37
N THR A 243 2.28 8.36 2.68
CA THR A 243 3.25 9.30 3.24
C THR A 243 2.59 10.10 4.37
N ALA A 244 1.32 10.45 4.19
CA ALA A 244 0.61 11.21 5.20
C ALA A 244 0.55 10.40 6.47
N VAL A 245 0.34 9.09 6.35
CA VAL A 245 0.29 8.24 7.53
C VAL A 245 1.63 8.21 8.24
N GLU A 246 2.71 8.12 7.49
CA GLU A 246 4.05 8.11 8.07
C GLU A 246 4.29 9.35 8.90
N LYS A 247 3.95 10.51 8.36
CA LYS A 247 4.11 11.77 9.08
C LYS A 247 3.13 11.91 10.23
N ALA A 248 1.89 11.44 10.04
CA ALA A 248 0.87 11.53 11.08
C ALA A 248 1.35 10.79 12.33
N VAL A 249 1.98 9.65 12.10
CA VAL A 249 2.53 8.84 13.19
C VAL A 249 3.61 9.62 13.93
N GLN A 250 4.43 10.35 13.17
CA GLN A 250 5.50 11.14 13.76
C GLN A 250 4.86 12.20 14.68
N ALA A 251 3.77 12.79 14.23
CA ALA A 251 3.09 13.80 15.02
C ALA A 251 2.50 13.15 16.27
N ILE A 252 1.99 11.93 16.13
CA ILE A 252 1.41 11.20 17.24
C ILE A 252 2.47 10.86 18.29
N ARG A 253 3.68 10.53 17.85
CA ARG A 253 4.76 10.23 18.79
C ARG A 253 5.09 11.49 19.62
N ALA A 254 5.16 12.64 18.97
CA ALA A 254 5.46 13.87 19.68
C ALA A 254 4.35 14.15 20.71
N ALA A 255 3.11 13.97 20.28
CA ALA A 255 1.96 14.19 21.15
C ALA A 255 2.03 13.26 22.36
N TYR A 256 2.53 12.04 22.15
CA TYR A 256 2.62 11.09 23.24
C TYR A 256 3.75 11.47 24.20
N ALA A 257 4.88 11.91 23.65
CA ALA A 257 6.02 12.33 24.45
C ALA A 257 5.58 13.48 25.36
N GLU A 258 4.80 14.40 24.79
CA GLU A 258 4.28 15.53 25.53
C GLU A 258 3.36 15.09 26.66
N ALA A 259 2.32 14.35 26.30
CA ALA A 259 1.33 13.86 27.24
C ALA A 259 1.93 13.12 28.42
N VAL A 260 2.85 12.20 28.14
CA VAL A 260 3.49 11.43 29.19
C VAL A 260 4.45 12.27 30.03
N SER A 261 4.76 13.47 29.55
CA SER A 261 5.67 14.35 30.27
C SER A 261 4.96 15.39 31.10
N ALA A 262 3.64 15.36 31.10
CA ALA A 262 2.85 16.30 31.86
C ALA A 262 1.94 15.51 32.77
N ASN A 263 1.82 15.92 34.03
CA ASN A 263 0.94 15.22 34.97
C ASN A 263 -0.46 15.52 34.45
N TYR A 264 -1.22 14.47 34.13
CA TYR A 264 -2.56 14.60 33.57
C TYR A 264 -2.46 15.48 32.33
N GLY A 265 -1.56 15.08 31.44
CA GLY A 265 -1.35 15.82 30.21
C GLY A 265 -2.13 15.23 29.07
N VAL A 266 -2.61 16.09 28.19
CA VAL A 266 -3.39 15.63 27.05
C VAL A 266 -2.78 16.07 25.73
N GLY A 267 -2.42 15.10 24.90
CA GLY A 267 -1.84 15.42 23.60
C GLY A 267 -2.90 15.35 22.52
N VAL A 268 -3.27 16.51 21.99
CA VAL A 268 -4.27 16.62 20.95
C VAL A 268 -3.57 16.84 19.62
N VAL A 269 -3.81 15.95 18.66
CA VAL A 269 -3.22 16.09 17.35
C VAL A 269 -4.30 15.97 16.28
N LYS A 270 -4.45 17.01 15.46
CA LYS A 270 -5.43 17.03 14.39
C LYS A 270 -4.83 16.47 13.10
N LEU A 271 -5.56 15.55 12.45
CA LEU A 271 -5.10 14.95 11.20
C LEU A 271 -6.11 15.20 10.08
N MET A 272 -5.70 14.95 8.85
CA MET A 272 -6.60 15.16 7.72
C MET A 272 -7.67 14.08 7.66
N GLY A 273 -8.78 14.40 6.99
CA GLY A 273 -9.88 13.46 6.87
C GLY A 273 -11.18 14.25 6.85
N ARG A 274 -11.71 14.49 5.64
CA ARG A 274 -12.93 15.26 5.50
C ARG A 274 -14.20 14.43 5.75
N ASP A 275 -14.37 13.35 5.01
CA ASP A 275 -15.54 12.49 5.18
C ASP A 275 -15.11 11.07 5.53
N SER A 276 -13.81 10.84 5.57
CA SER A 276 -13.29 9.53 5.90
C SER A 276 -12.23 9.69 6.98
N GLY A 277 -12.05 8.66 7.80
CA GLY A 277 -11.07 8.74 8.87
C GLY A 277 -9.94 7.74 8.75
N PHE A 278 -9.67 7.32 7.52
CA PHE A 278 -8.62 6.35 7.23
C PHE A 278 -7.24 6.79 7.75
N ILE A 279 -6.87 8.03 7.48
CA ILE A 279 -5.59 8.56 7.95
C ILE A 279 -5.50 8.42 9.46
N ALA A 280 -6.45 9.05 10.16
CA ALA A 280 -6.47 9.01 11.62
C ALA A 280 -6.53 7.57 12.13
N ALA A 281 -7.49 6.81 11.60
CA ALA A 281 -7.65 5.43 12.03
C ALA A 281 -6.39 4.62 11.84
N GLN A 282 -5.72 4.80 10.69
CA GLN A 282 -4.50 4.05 10.41
C GLN A 282 -3.27 4.54 11.19
N ALA A 283 -3.18 5.85 11.40
CA ALA A 283 -2.05 6.36 12.18
C ALA A 283 -2.25 5.90 13.63
N ALA A 284 -3.52 5.89 14.08
CA ALA A 284 -3.83 5.48 15.44
C ALA A 284 -3.35 4.05 15.73
N VAL A 285 -3.62 3.14 14.79
CA VAL A 285 -3.20 1.75 14.94
C VAL A 285 -1.70 1.57 14.78
N ALA A 286 -1.14 2.21 13.75
CA ALA A 286 0.28 2.12 13.48
C ALA A 286 1.11 2.58 14.68
N SER A 287 0.82 3.79 15.16
CA SER A 287 1.55 4.35 16.29
C SER A 287 1.30 3.58 17.58
N ALA A 288 0.15 2.92 17.67
CA ALA A 288 -0.19 2.18 18.87
C ALA A 288 0.00 3.07 20.11
N GLN A 289 -0.37 4.34 19.99
CA GLN A 289 -0.22 5.26 21.10
C GLN A 289 -1.41 6.21 21.24
N ALA A 290 -2.44 5.98 20.43
CA ALA A 290 -3.65 6.80 20.50
C ALA A 290 -4.54 6.22 21.58
N ASN A 291 -5.15 7.09 22.40
CA ASN A 291 -6.04 6.63 23.46
C ASN A 291 -7.48 6.87 23.05
N ILE A 292 -7.69 7.96 22.32
CA ILE A 292 -9.01 8.35 21.82
C ILE A 292 -8.79 8.73 20.36
N CYS A 293 -9.63 8.20 19.47
CA CYS A 293 -9.52 8.50 18.04
C CYS A 293 -10.89 8.94 17.51
N LEU A 294 -10.98 10.21 17.10
CA LEU A 294 -12.22 10.79 16.60
C LEU A 294 -12.23 10.95 15.08
N VAL A 295 -13.15 10.25 14.42
CA VAL A 295 -13.26 10.30 12.97
C VAL A 295 -14.63 10.79 12.56
N PRO A 296 -14.80 11.20 11.28
CA PRO A 296 -16.08 11.70 10.76
C PRO A 296 -17.21 10.67 10.79
N GLU A 297 -16.87 9.41 10.53
CA GLU A 297 -17.86 8.34 10.52
C GLU A 297 -18.48 8.06 11.90
N ASN A 298 -17.81 8.49 12.97
CA ASN A 298 -18.30 8.26 14.32
C ASN A 298 -18.51 9.58 15.07
N PRO A 299 -19.45 10.40 14.61
CA PRO A 299 -19.67 11.67 15.31
C PRO A 299 -20.27 11.48 16.70
N ILE A 300 -19.53 11.90 17.71
CA ILE A 300 -20.02 11.80 19.09
C ILE A 300 -19.93 13.18 19.72
N SER A 301 -20.74 13.41 20.75
CA SER A 301 -20.78 14.70 21.43
C SER A 301 -19.51 14.95 22.23
N GLU A 302 -19.37 16.16 22.74
CA GLU A 302 -18.21 16.53 23.53
C GLU A 302 -18.28 15.90 24.91
N GLN A 303 -19.50 15.63 25.38
CA GLN A 303 -19.68 15.03 26.69
C GLN A 303 -19.14 13.60 26.67
N GLU A 304 -19.31 12.92 25.54
CA GLU A 304 -18.83 11.56 25.43
C GLU A 304 -17.30 11.55 25.32
N VAL A 305 -16.75 12.63 24.78
CA VAL A 305 -15.30 12.75 24.67
C VAL A 305 -14.73 12.98 26.07
N MET A 306 -15.32 13.94 26.79
CA MET A 306 -14.87 14.24 28.15
C MET A 306 -15.04 12.99 29.00
N SER A 307 -16.01 12.16 28.65
CA SER A 307 -16.26 10.93 29.38
C SER A 307 -15.15 9.90 29.14
N LEU A 308 -14.65 9.84 27.91
CA LEU A 308 -13.59 8.90 27.54
C LEU A 308 -12.27 9.34 28.18
N LEU A 309 -12.06 10.66 28.20
CA LEU A 309 -10.85 11.22 28.78
C LEU A 309 -10.86 10.94 30.28
N GLU A 310 -12.02 11.09 30.89
CA GLU A 310 -12.16 10.86 32.33
C GLU A 310 -11.85 9.41 32.67
N ARG A 311 -12.31 8.49 31.82
CA ARG A 311 -12.07 7.08 32.05
C ARG A 311 -10.58 6.78 31.88
N ARG A 312 -9.93 7.52 30.98
CA ARG A 312 -8.51 7.34 30.73
C ARG A 312 -7.70 7.84 31.92
N PHE A 313 -7.98 9.06 32.34
CA PHE A 313 -7.30 9.68 33.48
C PHE A 313 -7.63 9.02 34.81
N CYS A 314 -8.50 8.02 34.79
CA CYS A 314 -8.89 7.31 36.01
C CYS A 314 -7.83 6.29 36.37
N HIS A 315 -7.03 5.90 35.38
CA HIS A 315 -5.97 4.92 35.59
C HIS A 315 -4.71 5.29 34.80
N SER A 316 -4.54 6.58 34.53
CA SER A 316 -3.37 7.04 33.79
C SER A 316 -3.21 8.55 33.87
N ARG A 317 -1.99 9.03 33.66
CA ARG A 317 -1.72 10.46 33.68
C ARG A 317 -1.56 11.03 32.27
N SER A 318 -1.67 10.16 31.27
CA SER A 318 -1.49 10.60 29.89
C SER A 318 -2.65 10.27 28.96
N CYS A 319 -2.98 11.21 28.09
CA CYS A 319 -4.02 10.96 27.11
C CYS A 319 -3.71 11.61 25.77
N VAL A 320 -3.68 10.79 24.73
CA VAL A 320 -3.41 11.26 23.38
C VAL A 320 -4.71 11.17 22.58
N ILE A 321 -5.15 12.30 22.07
CA ILE A 321 -6.38 12.35 21.30
C ILE A 321 -6.13 12.67 19.84
N ILE A 322 -6.50 11.76 18.96
CA ILE A 322 -6.34 11.95 17.52
C ILE A 322 -7.68 12.47 17.01
N VAL A 323 -7.66 13.51 16.20
CA VAL A 323 -8.92 14.05 15.68
C VAL A 323 -8.85 14.48 14.21
N ALA A 324 -9.68 13.84 13.40
CA ALA A 324 -9.76 14.16 11.98
C ALA A 324 -10.46 15.50 11.82
N GLU A 325 -9.96 16.31 10.90
CA GLU A 325 -10.52 17.64 10.67
C GLU A 325 -12.01 17.63 10.37
N GLY A 326 -12.49 16.56 9.75
CA GLY A 326 -13.91 16.46 9.42
C GLY A 326 -14.80 15.97 10.55
N PHE A 327 -14.23 15.79 11.73
CA PHE A 327 -15.01 15.35 12.88
C PHE A 327 -15.59 16.55 13.63
N GLY A 328 -16.64 16.29 14.40
CA GLY A 328 -17.28 17.31 15.22
C GLY A 328 -17.76 18.56 14.50
N GLN A 329 -18.08 18.45 13.22
CA GLN A 329 -18.57 19.61 12.49
C GLN A 329 -19.94 20.01 13.00
N ASP A 330 -20.59 19.08 13.69
CA ASP A 330 -21.92 19.30 14.24
C ASP A 330 -21.78 19.91 15.63
N TRP A 331 -20.59 20.35 15.98
CA TRP A 331 -20.31 20.93 17.29
C TRP A 331 -20.43 22.46 17.32
N GLY A 332 -20.75 23.09 16.21
CA GLY A 332 -20.85 24.53 16.23
C GLY A 332 -21.15 25.27 14.95
N ARG A 333 -20.81 26.56 14.98
CA ARG A 333 -21.00 27.49 13.86
C ARG A 333 -20.73 26.87 12.50
N GLY A 336 -20.87 28.19 7.17
CA GLY A 336 -21.70 27.30 6.37
C GLY A 336 -21.48 27.50 4.88
N GLY A 337 -21.38 26.41 4.13
CA GLY A 337 -21.16 26.51 2.71
C GLY A 337 -19.96 25.73 2.20
N TYR A 338 -19.35 26.23 1.12
CA TYR A 338 -18.21 25.58 0.50
C TYR A 338 -16.99 26.50 0.35
N ASP A 339 -15.80 25.90 0.36
CA ASP A 339 -14.57 26.68 0.21
C ASP A 339 -14.28 26.95 -1.27
N ALA A 340 -13.11 27.50 -1.54
CA ALA A 340 -12.71 27.80 -2.92
C ALA A 340 -12.62 26.56 -3.82
N SER A 341 -12.29 25.40 -3.24
CA SER A 341 -12.17 24.16 -4.01
C SER A 341 -13.47 23.38 -4.13
N GLY A 342 -14.53 23.88 -3.48
CA GLY A 342 -15.81 23.21 -3.55
C GLY A 342 -16.08 22.26 -2.38
N ASN A 343 -15.13 22.14 -1.46
CA ASN A 343 -15.33 21.27 -0.31
C ASN A 343 -16.24 21.98 0.66
N LYS A 344 -16.83 21.22 1.59
CA LYS A 344 -17.70 21.77 2.62
C LYS A 344 -16.80 22.60 3.54
N LYS A 345 -17.26 23.77 3.96
CA LYS A 345 -16.46 24.58 4.87
C LYS A 345 -16.37 23.80 6.17
N LEU A 346 -15.31 24.03 6.94
CA LEU A 346 -15.13 23.32 8.20
C LEU A 346 -14.83 24.27 9.33
N ILE A 347 -15.22 23.89 10.54
CA ILE A 347 -14.92 24.70 11.71
C ILE A 347 -13.65 24.00 12.20
N ASP A 348 -12.73 24.75 12.80
CA ASP A 348 -11.49 24.15 13.28
C ASP A 348 -11.70 23.31 14.53
N ILE A 349 -12.04 22.05 14.33
CA ILE A 349 -12.29 21.13 15.42
C ILE A 349 -11.04 20.96 16.29
N GLY A 350 -9.88 21.24 15.72
CA GLY A 350 -8.64 21.12 16.48
C GLY A 350 -8.64 22.11 17.62
N VAL A 351 -8.99 23.35 17.30
CA VAL A 351 -9.05 24.44 18.27
C VAL A 351 -10.22 24.29 19.24
N ILE A 352 -11.42 24.05 18.70
CA ILE A 352 -12.61 23.87 19.52
C ILE A 352 -12.41 22.76 20.56
N LEU A 353 -11.97 21.59 20.11
CA LEU A 353 -11.76 20.45 20.99
C LEU A 353 -10.73 20.73 22.08
N THR A 354 -9.63 21.37 21.72
CA THR A 354 -8.59 21.71 22.69
C THR A 354 -9.15 22.62 23.78
N GLU A 355 -9.99 23.56 23.37
CA GLU A 355 -10.62 24.47 24.32
C GLU A 355 -11.57 23.72 25.26
N LYS A 356 -12.42 22.85 24.69
CA LYS A 356 -13.38 22.08 25.48
C LYS A 356 -12.67 21.25 26.53
N VAL A 357 -11.54 20.66 26.15
CA VAL A 357 -10.74 19.83 27.05
C VAL A 357 -10.17 20.67 28.18
N LYS A 358 -9.69 21.88 27.85
CA LYS A 358 -9.11 22.76 28.86
C LYS A 358 -10.19 23.30 29.79
N ALA A 359 -11.42 23.41 29.29
CA ALA A 359 -12.51 23.90 30.09
C ALA A 359 -12.92 22.79 31.05
N PHE A 360 -13.06 21.59 30.50
CA PHE A 360 -13.43 20.44 31.30
C PHE A 360 -12.44 20.12 32.42
N LEU A 361 -11.14 20.13 32.12
CA LEU A 361 -10.16 19.83 33.16
C LEU A 361 -10.07 20.99 34.15
N LYS A 362 -10.48 22.18 33.71
CA LYS A 362 -10.48 23.36 34.54
C LYS A 362 -11.53 23.15 35.64
N ALA A 363 -12.78 22.94 35.21
CA ALA A 363 -13.90 22.72 36.12
C ALA A 363 -13.77 21.46 36.97
N ASN A 364 -12.64 20.78 36.86
CA ASN A 364 -12.41 19.56 37.63
C ASN A 364 -11.00 19.57 38.21
N LYS A 365 -10.49 20.78 38.43
CA LYS A 365 -9.15 20.97 38.95
C LYS A 365 -8.95 20.18 40.23
N SER A 366 -10.05 19.83 40.89
CA SER A 366 -9.98 19.07 42.14
C SER A 366 -9.67 17.59 41.92
N ARG A 367 -10.22 17.00 40.87
CA ARG A 367 -9.97 15.60 40.58
C ARG A 367 -8.54 15.44 40.06
N TYR A 368 -8.05 16.48 39.40
CA TYR A 368 -6.69 16.49 38.84
C TYR A 368 -5.94 17.71 39.34
N PRO A 369 -4.92 17.52 40.20
CA PRO A 369 -4.15 18.65 40.72
C PRO A 369 -3.67 19.58 39.60
N ASP A 370 -2.77 19.07 38.77
CA ASP A 370 -2.25 19.85 37.65
C ASP A 370 -2.71 19.19 36.35
N SER A 371 -2.76 19.98 35.28
CA SER A 371 -3.18 19.43 33.99
C SER A 371 -2.67 20.30 32.85
N THR A 372 -2.26 19.65 31.77
CA THR A 372 -1.74 20.36 30.61
C THR A 372 -2.34 19.77 29.34
N VAL A 373 -2.80 20.65 28.46
CA VAL A 373 -3.36 20.21 27.19
C VAL A 373 -2.48 20.82 26.12
N LYS A 374 -1.92 19.98 25.25
CA LYS A 374 -1.06 20.48 24.19
C LYS A 374 -1.68 20.10 22.85
N TYR A 375 -1.83 21.09 21.97
CA TYR A 375 -2.41 20.87 20.66
C TYR A 375 -1.41 20.92 19.52
N ILE A 376 -1.35 19.84 18.74
CA ILE A 376 -0.44 19.74 17.59
C ILE A 376 -1.22 19.70 16.28
N ASP A 377 -0.88 20.58 15.34
CA ASP A 377 -1.53 20.56 14.02
C ASP A 377 -0.40 20.39 13.00
N PRO A 378 -0.17 19.15 12.56
CA PRO A 378 0.89 18.86 11.59
C PRO A 378 0.40 18.90 10.14
N SER A 379 -0.67 19.63 9.87
CA SER A 379 -1.26 19.72 8.53
C SER A 379 -0.30 20.00 7.38
N TYR A 380 0.39 21.14 7.46
CA TYR A 380 1.31 21.55 6.41
C TYR A 380 2.53 20.66 6.30
N MET A 381 2.95 20.10 7.43
CA MET A 381 4.11 19.23 7.42
C MET A 381 3.77 17.88 6.81
N ILE A 382 2.48 17.59 6.71
CA ILE A 382 2.01 16.35 6.11
C ILE A 382 1.76 16.58 4.62
N ARG A 383 1.20 17.75 4.29
CA ARG A 383 0.90 18.10 2.91
C ARG A 383 2.10 18.47 2.03
N ALA A 384 3.07 19.18 2.62
CA ALA A 384 4.25 19.63 1.87
C ALA A 384 5.45 18.69 1.93
N CYS A 385 5.22 17.52 2.47
CA CYS A 385 6.24 16.51 2.62
C CYS A 385 6.57 15.84 1.29
N PRO A 386 7.82 15.39 1.09
CA PRO A 386 8.17 14.73 -0.17
C PRO A 386 7.56 13.34 -0.03
N PRO A 387 7.25 12.66 -1.15
CA PRO A 387 6.65 11.34 -1.01
C PRO A 387 7.60 10.23 -0.58
N SER A 388 7.04 9.21 0.07
CA SER A 388 7.82 8.06 0.47
C SER A 388 8.09 7.31 -0.82
N ALA A 389 9.07 6.40 -0.79
CA ALA A 389 9.42 5.63 -2.00
C ALA A 389 8.24 4.82 -2.55
N ASN A 390 7.39 4.33 -1.66
CA ASN A 390 6.23 3.54 -2.06
C ASN A 390 5.16 4.39 -2.73
N ASP A 391 5.10 5.66 -2.37
CA ASP A 391 4.12 6.56 -2.99
C ASP A 391 4.67 6.93 -4.36
N ALA A 392 6.00 7.04 -4.46
CA ALA A 392 6.66 7.40 -5.73
C ALA A 392 6.38 6.32 -6.76
N LEU A 393 6.42 5.07 -6.30
CA LEU A 393 6.15 3.93 -7.16
C LEU A 393 4.70 3.99 -7.62
N PHE A 394 3.80 4.26 -6.67
CA PHE A 394 2.36 4.35 -6.95
C PHE A 394 2.09 5.53 -7.90
N CYS A 395 2.67 6.68 -7.60
CA CYS A 395 2.50 7.87 -8.42
C CYS A 395 2.98 7.62 -9.86
N ALA A 396 4.12 6.97 -9.99
CA ALA A 396 4.69 6.67 -11.30
C ALA A 396 3.79 5.74 -12.11
N THR A 397 3.18 4.78 -11.43
CA THR A 397 2.29 3.81 -12.06
C THR A 397 0.92 4.39 -12.40
N LEU A 398 0.38 5.23 -11.54
CA LEU A 398 -0.91 5.87 -11.80
C LEU A 398 -0.76 6.74 -13.05
N ALA A 399 0.32 7.51 -13.08
CA ALA A 399 0.62 8.40 -14.18
C ALA A 399 0.92 7.69 -15.50
N THR A 400 1.63 6.57 -15.45
CA THR A 400 1.96 5.86 -16.68
C THR A 400 0.69 5.34 -17.36
N LEU A 401 -0.22 4.80 -16.56
CA LEU A 401 -1.48 4.26 -17.03
C LEU A 401 -2.43 5.36 -17.49
N ALA A 402 -2.33 6.53 -16.88
CA ALA A 402 -3.19 7.65 -17.24
C ALA A 402 -2.81 8.09 -18.65
N VAL A 403 -1.52 8.12 -18.92
CA VAL A 403 -1.07 8.51 -20.26
C VAL A 403 -1.49 7.44 -21.27
N HIS A 404 -1.40 6.17 -20.89
CA HIS A 404 -1.82 5.11 -21.81
C HIS A 404 -3.29 5.24 -22.19
N GLU A 405 -4.16 5.34 -21.18
CA GLU A 405 -5.59 5.44 -21.42
C GLU A 405 -6.03 6.71 -22.14
N ALA A 406 -5.37 7.83 -21.85
CA ALA A 406 -5.74 9.07 -22.51
C ALA A 406 -5.27 9.07 -23.97
N MET A 407 -4.11 8.47 -24.23
CA MET A 407 -3.63 8.40 -25.60
C MET A 407 -4.60 7.52 -26.39
N ALA A 408 -5.24 6.59 -25.69
CA ALA A 408 -6.21 5.67 -26.29
C ALA A 408 -7.61 6.26 -26.29
N GLY A 409 -7.70 7.58 -26.13
CA GLY A 409 -8.99 8.26 -26.16
C GLY A 409 -9.89 8.37 -24.95
N ALA A 410 -9.45 7.90 -23.80
CA ALA A 410 -10.27 7.99 -22.59
C ALA A 410 -10.42 9.45 -22.19
N THR A 411 -11.65 9.84 -21.84
CA THR A 411 -11.90 11.21 -21.43
C THR A 411 -13.05 11.29 -20.41
N GLY A 412 -13.05 12.38 -19.64
CA GLY A 412 -14.08 12.61 -18.64
C GLY A 412 -14.04 11.60 -17.50
N CYS A 413 -12.87 11.02 -17.28
CA CYS A 413 -12.69 10.01 -16.23
C CYS A 413 -11.42 10.21 -15.45
N ILE A 414 -11.28 9.42 -14.39
CA ILE A 414 -10.09 9.46 -13.55
C ILE A 414 -9.51 8.05 -13.50
N ILE A 415 -8.22 7.96 -13.25
CA ILE A 415 -7.59 6.67 -13.12
C ILE A 415 -7.72 6.41 -11.61
N ALA A 416 -8.23 5.25 -11.23
CA ALA A 416 -8.37 4.94 -9.81
C ALA A 416 -7.82 3.56 -9.51
N MET A 417 -7.83 3.20 -8.25
CA MET A 417 -7.34 1.89 -7.86
C MET A 417 -8.31 1.23 -6.92
N ARG A 418 -8.82 0.08 -7.33
CA ARG A 418 -9.75 -0.68 -6.53
C ARG A 418 -9.32 -2.13 -6.55
N HIS A 419 -9.44 -2.79 -5.41
CA HIS A 419 -9.07 -4.19 -5.26
C HIS A 419 -7.73 -4.53 -5.87
N ASN A 420 -6.76 -3.66 -5.63
CA ASN A 420 -5.40 -3.88 -6.11
C ASN A 420 -5.26 -3.82 -7.63
N ASN A 421 -6.18 -3.12 -8.29
CA ASN A 421 -6.14 -2.98 -9.73
C ASN A 421 -6.49 -1.57 -10.13
N TYR A 422 -5.86 -1.12 -11.21
CA TYR A 422 -6.10 0.20 -11.74
C TYR A 422 -7.29 0.14 -12.68
N ILE A 423 -8.26 1.02 -12.43
CA ILE A 423 -9.47 1.07 -13.21
C ILE A 423 -9.72 2.48 -13.71
N LEU A 424 -10.69 2.62 -14.62
CA LEU A 424 -11.06 3.93 -15.15
C LEU A 424 -12.48 4.16 -14.67
N VAL A 425 -12.71 5.32 -14.06
CA VAL A 425 -14.04 5.66 -13.54
C VAL A 425 -14.48 7.03 -14.01
N PRO A 426 -15.69 7.13 -14.60
CA PRO A 426 -16.15 8.44 -15.07
C PRO A 426 -16.26 9.38 -13.89
N ILE A 427 -15.94 10.65 -14.10
CA ILE A 427 -15.97 11.66 -13.05
C ILE A 427 -17.33 11.79 -12.33
N LYS A 428 -18.43 11.71 -13.08
CA LYS A 428 -19.75 11.80 -12.45
C LYS A 428 -19.91 10.76 -11.33
N VAL A 429 -19.38 9.56 -11.56
CA VAL A 429 -19.48 8.52 -10.53
C VAL A 429 -18.50 8.79 -9.39
N ALA A 430 -17.26 9.10 -9.73
CA ALA A 430 -16.23 9.37 -8.73
C ALA A 430 -16.62 10.46 -7.73
N THR A 431 -17.42 11.42 -8.16
CA THR A 431 -17.86 12.51 -7.30
C THR A 431 -19.24 12.28 -6.68
N SER A 432 -19.82 11.12 -6.89
CA SER A 432 -21.13 10.82 -6.33
C SER A 432 -21.09 9.84 -5.16
N VAL A 433 -20.02 9.04 -5.09
CA VAL A 433 -19.86 8.07 -4.01
C VAL A 433 -18.62 8.33 -3.19
N ARG A 434 -18.64 7.90 -1.93
CA ARG A 434 -17.53 8.10 -1.01
C ARG A 434 -17.09 6.81 -0.34
N ARG A 435 -15.79 6.64 -0.21
CA ARG A 435 -15.23 5.48 0.47
C ARG A 435 -15.10 5.97 1.91
N VAL A 436 -15.80 5.31 2.82
CA VAL A 436 -15.81 5.71 4.22
C VAL A 436 -15.51 4.54 5.16
N LEU A 437 -15.10 4.84 6.38
CA LEU A 437 -14.82 3.78 7.36
C LEU A 437 -16.10 3.02 7.67
N ASP A 438 -15.97 1.69 7.73
CA ASP A 438 -17.08 0.82 8.09
C ASP A 438 -16.84 0.59 9.58
N LEU A 439 -17.65 1.26 10.43
CA LEU A 439 -17.46 1.14 11.88
C LEU A 439 -17.51 -0.28 12.41
N ARG A 440 -17.92 -1.22 11.58
CA ARG A 440 -17.96 -2.62 11.97
C ARG A 440 -16.95 -3.40 11.16
N GLY A 441 -15.95 -2.68 10.64
CA GLY A 441 -14.92 -3.30 9.84
C GLY A 441 -13.68 -3.60 10.64
N GLN A 442 -12.82 -4.46 10.13
CA GLN A 442 -11.60 -4.86 10.81
C GLN A 442 -10.71 -3.70 11.26
N LEU A 443 -10.60 -2.64 10.45
CA LEU A 443 -9.76 -1.51 10.82
C LEU A 443 -10.29 -0.75 12.03
N TRP A 444 -11.54 -0.32 11.97
CA TRP A 444 -12.11 0.43 13.08
C TRP A 444 -12.23 -0.41 14.35
N ARG A 445 -12.24 -1.73 14.21
CA ARG A 445 -12.32 -2.61 15.38
C ARG A 445 -10.99 -2.62 16.11
N GLN A 446 -9.91 -2.44 15.36
CA GLN A 446 -8.58 -2.40 15.97
C GLN A 446 -8.44 -1.10 16.76
N VAL A 447 -8.98 -0.02 16.23
CA VAL A 447 -8.92 1.29 16.88
C VAL A 447 -9.72 1.25 18.18
N ARG A 448 -10.85 0.54 18.16
CA ARG A 448 -11.68 0.40 19.34
C ARG A 448 -10.93 -0.41 20.40
N GLU A 449 -10.35 -1.53 19.97
CA GLU A 449 -9.59 -2.41 20.86
C GLU A 449 -8.52 -1.59 21.56
N ILE A 450 -7.80 -0.79 20.78
CA ILE A 450 -6.70 0.05 21.25
C ILE A 450 -7.09 1.27 22.08
N THR A 451 -8.20 1.92 21.72
CA THR A 451 -8.61 3.11 22.45
C THR A 451 -9.44 2.80 23.68
N VAL A 452 -9.69 3.84 24.46
CA VAL A 452 -10.50 3.76 25.67
C VAL A 452 -11.93 3.34 25.28
N ASP A 453 -12.54 2.49 26.09
CA ASP A 453 -13.90 2.00 25.84
C ASP A 453 -14.93 2.72 26.71
N LEU A 454 -16.09 3.05 26.14
CA LEU A 454 -17.13 3.71 26.92
C LEU A 454 -17.52 2.73 28.01
N GLY A 455 -17.62 1.45 27.65
CA GLY A 455 -17.97 0.46 28.64
C GLY A 455 -17.04 -0.73 28.52
N VAL B 9 -1.59 -9.12 -14.54
CA VAL B 9 -1.28 -8.06 -13.53
C VAL B 9 0.22 -7.71 -13.54
N THR B 10 0.91 -7.91 -12.43
CA THR B 10 2.34 -7.63 -12.35
C THR B 10 3.11 -8.83 -11.84
N SER B 11 2.37 -9.90 -11.56
CA SER B 11 2.96 -11.14 -11.07
C SER B 11 2.25 -12.32 -11.72
N LYS B 12 2.83 -13.50 -11.57
CA LYS B 12 2.26 -14.73 -12.11
C LYS B 12 2.61 -15.86 -11.15
N LEU B 13 1.96 -17.00 -11.31
CA LEU B 13 2.20 -18.13 -10.42
C LEU B 13 3.09 -19.22 -11.00
N VAL B 14 3.86 -19.86 -10.12
CA VAL B 14 4.76 -20.95 -10.50
C VAL B 14 4.87 -21.97 -9.37
N LYS B 15 4.82 -23.24 -9.73
CA LYS B 15 4.91 -24.34 -8.77
C LYS B 15 6.07 -24.09 -7.82
N ALA B 16 5.77 -24.10 -6.52
CA ALA B 16 6.81 -23.89 -5.52
C ALA B 16 7.75 -25.08 -5.54
N HIS B 17 9.03 -24.83 -5.31
CA HIS B 17 10.02 -25.90 -5.29
C HIS B 17 9.44 -27.17 -4.66
N ARG B 18 8.67 -26.99 -3.60
CA ARG B 18 8.06 -28.10 -2.87
C ARG B 18 6.54 -27.93 -2.68
N ALA B 19 5.77 -28.26 -3.71
CA ALA B 19 4.32 -28.13 -3.63
C ALA B 19 3.66 -29.40 -3.11
N MET B 20 2.60 -29.25 -2.31
CA MET B 20 1.88 -30.40 -1.79
C MET B 20 0.71 -30.72 -2.70
N LEU B 21 0.18 -29.69 -3.35
CA LEU B 21 -0.93 -29.83 -4.29
C LEU B 21 -0.35 -29.43 -5.64
N ASN B 22 -0.85 -30.02 -6.72
CA ASN B 22 -0.37 -29.68 -8.05
C ASN B 22 -1.52 -29.18 -8.92
N SER B 23 -2.64 -28.89 -8.25
CA SER B 23 -3.86 -28.37 -8.85
C SER B 23 -4.69 -27.96 -7.63
N VAL B 24 -5.65 -27.06 -7.80
CA VAL B 24 -6.45 -26.60 -6.68
C VAL B 24 -7.96 -26.63 -6.92
N THR B 25 -8.70 -27.10 -5.94
CA THR B 25 -10.16 -27.16 -6.03
C THR B 25 -10.72 -26.23 -4.95
N GLN B 26 -12.04 -26.15 -4.86
CA GLN B 26 -12.67 -25.28 -3.85
C GLN B 26 -12.54 -25.84 -2.44
N GLU B 27 -12.47 -27.16 -2.31
CA GLU B 27 -12.34 -27.80 -1.01
C GLU B 27 -10.99 -27.48 -0.40
N ASP B 28 -9.94 -27.46 -1.22
CA ASP B 28 -8.59 -27.16 -0.75
C ASP B 28 -8.52 -25.80 -0.08
N LEU B 29 -9.39 -24.88 -0.51
CA LEU B 29 -9.40 -23.53 0.05
C LEU B 29 -10.23 -23.38 1.31
N LYS B 30 -11.10 -24.33 1.59
CA LYS B 30 -11.92 -24.26 2.80
C LYS B 30 -11.01 -24.46 4.02
N VAL B 31 -11.09 -23.53 4.96
CA VAL B 31 -10.26 -23.58 6.16
C VAL B 31 -10.72 -24.59 7.21
N ASP B 32 -9.74 -25.28 7.80
CA ASP B 32 -10.00 -26.29 8.80
C ASP B 32 -10.32 -25.65 10.16
N ARG B 33 -11.44 -26.05 10.75
CA ARG B 33 -11.88 -25.52 12.04
C ARG B 33 -11.95 -26.61 13.12
N LEU B 34 -11.46 -26.28 14.30
CA LEU B 34 -11.51 -27.20 15.43
C LEU B 34 -13.00 -27.40 15.69
N PRO B 35 -13.38 -28.57 16.21
CA PRO B 35 -14.80 -28.85 16.49
C PRO B 35 -15.48 -28.01 17.57
N GLY B 36 -16.62 -27.43 17.22
CA GLY B 36 -17.40 -26.65 18.16
C GLY B 36 -16.97 -25.21 18.45
N ALA B 37 -17.97 -24.36 18.64
CA ALA B 37 -17.79 -22.95 18.96
C ALA B 37 -18.89 -22.67 19.98
N ASP B 38 -18.62 -23.02 21.23
CA ASP B 38 -19.57 -22.86 22.33
C ASP B 38 -19.59 -21.50 22.98
N TYR B 39 -18.42 -20.97 23.28
CA TYR B 39 -18.29 -19.68 23.94
C TYR B 39 -18.56 -18.47 23.07
N PRO B 40 -19.22 -17.45 23.63
CA PRO B 40 -19.53 -16.22 22.91
C PRO B 40 -18.29 -15.32 22.92
N ASN B 41 -18.08 -14.57 21.85
CA ASN B 41 -16.92 -13.71 21.79
C ASN B 41 -17.03 -12.63 22.87
N PRO B 42 -15.97 -12.43 23.67
CA PRO B 42 -15.93 -11.44 24.76
C PRO B 42 -16.08 -9.98 24.34
N SER B 43 -16.94 -9.71 23.36
CA SER B 43 -17.18 -8.35 22.89
C SER B 43 -18.11 -8.33 21.70
N THR B 56 -19.71 -18.16 6.86
CA THR B 56 -18.40 -17.68 6.46
C THR B 56 -18.47 -16.92 5.13
N ASP B 57 -18.37 -15.60 5.21
CA ASP B 57 -18.40 -14.78 4.00
C ASP B 57 -17.16 -15.06 3.16
N TYR B 58 -17.35 -15.19 1.86
CA TYR B 58 -16.24 -15.46 0.95
C TYR B 58 -15.96 -14.28 0.06
N ILE B 59 -14.85 -14.36 -0.65
CA ILE B 59 -14.45 -13.32 -1.59
C ILE B 59 -14.00 -14.13 -2.80
N MET B 60 -14.10 -13.53 -3.98
CA MET B 60 -13.71 -14.22 -5.18
C MET B 60 -12.21 -14.26 -5.39
N TYR B 61 -11.70 -15.43 -5.76
CA TYR B 61 -10.29 -15.57 -6.01
C TYR B 61 -9.94 -14.67 -7.18
N ASN B 62 -10.81 -14.67 -8.19
CA ASN B 62 -10.61 -13.86 -9.39
C ASN B 62 -11.85 -13.03 -9.64
N PRO B 63 -11.78 -11.72 -9.38
CA PRO B 63 -12.91 -10.79 -9.57
C PRO B 63 -13.20 -10.39 -11.02
N ARG B 64 -12.56 -11.06 -11.98
CA ARG B 64 -12.78 -10.77 -13.39
C ARG B 64 -13.90 -11.66 -13.94
N PRO B 65 -14.71 -11.13 -14.86
CA PRO B 65 -15.81 -11.90 -15.44
C PRO B 65 -15.61 -12.38 -16.86
N ARG B 66 -16.69 -12.87 -17.45
CA ARG B 66 -16.75 -13.34 -18.83
C ARG B 66 -18.18 -13.83 -19.04
N GLU B 68 -17.77 -9.66 -19.43
CA GLU B 68 -18.59 -8.92 -20.39
C GLU B 68 -19.81 -8.34 -19.68
N PRO B 69 -20.11 -7.06 -19.93
CA PRO B 69 -21.28 -6.43 -19.29
C PRO B 69 -22.59 -7.07 -19.73
N SER B 70 -22.46 -8.22 -20.39
CA SER B 70 -23.60 -9.00 -20.87
C SER B 70 -24.71 -9.14 -19.83
N SER B 71 -25.61 -8.17 -19.86
CA SER B 71 -26.78 -8.07 -18.97
C SER B 71 -26.94 -9.01 -17.78
N GLU B 72 -26.98 -8.39 -16.60
CA GLU B 72 -27.17 -9.04 -15.31
C GLU B 72 -26.02 -9.76 -14.60
N ASN B 73 -25.76 -9.26 -13.39
CA ASN B 73 -24.72 -9.73 -12.48
C ASN B 73 -23.65 -10.65 -13.04
N PRO B 74 -22.41 -10.12 -13.14
CA PRO B 74 -21.23 -10.82 -13.66
C PRO B 74 -20.85 -12.06 -12.86
N VAL B 75 -20.42 -13.09 -13.58
CA VAL B 75 -20.00 -14.35 -12.99
C VAL B 75 -18.49 -14.47 -13.11
N SER B 76 -17.84 -14.88 -12.02
CA SER B 76 -16.40 -15.03 -12.01
C SER B 76 -15.88 -16.07 -12.99
N VAL B 77 -14.73 -15.78 -13.58
CA VAL B 77 -14.09 -16.69 -14.52
C VAL B 77 -13.59 -17.93 -13.78
N SER B 78 -13.37 -17.77 -12.46
CA SER B 78 -12.90 -18.87 -11.63
C SER B 78 -13.98 -19.34 -10.66
N PRO B 79 -13.96 -20.63 -10.27
CA PRO B 79 -14.92 -21.23 -9.35
C PRO B 79 -14.46 -21.03 -7.90
N LEU B 80 -13.17 -20.79 -7.74
CA LEU B 80 -12.57 -20.63 -6.42
C LEU B 80 -13.08 -19.44 -5.63
N LEU B 81 -13.17 -19.63 -4.33
CA LEU B 81 -13.59 -18.59 -3.40
C LEU B 81 -12.62 -18.68 -2.24
N CYS B 82 -12.31 -17.53 -1.65
CA CYS B 82 -11.40 -17.49 -0.51
C CYS B 82 -12.18 -17.00 0.70
N GLU B 83 -11.95 -17.61 1.86
CA GLU B 83 -12.65 -17.21 3.07
C GLU B 83 -12.03 -15.95 3.65
N LEU B 84 -12.88 -15.00 4.05
CA LEU B 84 -12.45 -13.73 4.61
C LEU B 84 -12.23 -13.80 6.12
N ALA B 85 -11.11 -13.25 6.58
CA ALA B 85 -10.79 -13.25 8.00
C ALA B 85 -11.63 -12.23 8.75
N ALA B 86 -12.06 -12.58 9.96
CA ALA B 86 -12.87 -11.67 10.75
C ALA B 86 -13.12 -12.20 12.14
N ALA B 87 -13.43 -11.30 13.07
CA ALA B 87 -13.73 -11.70 14.43
C ALA B 87 -15.09 -12.41 14.39
N ARG B 88 -15.23 -13.49 15.15
CA ARG B 88 -16.49 -14.25 15.17
C ARG B 88 -17.27 -14.08 16.46
N SER B 89 -18.59 -14.18 16.38
CA SER B 89 -19.44 -14.04 17.56
C SER B 89 -19.41 -15.28 18.44
N ARG B 90 -19.23 -16.44 17.83
CA ARG B 90 -19.14 -17.71 18.56
C ARG B 90 -17.71 -18.20 18.34
N ILE B 91 -16.97 -18.42 19.43
CA ILE B 91 -15.60 -18.88 19.32
C ILE B 91 -15.35 -20.29 19.89
N HIS B 92 -14.25 -20.89 19.47
CA HIS B 92 -13.89 -22.23 19.89
C HIS B 92 -13.30 -22.42 21.29
N PHE B 93 -12.31 -21.61 21.63
CA PHE B 93 -11.66 -21.74 22.92
C PHE B 93 -12.34 -20.91 24.00
N ASN B 94 -12.18 -21.35 25.25
CA ASN B 94 -12.72 -20.66 26.41
C ASN B 94 -11.73 -19.52 26.67
N PRO B 95 -12.08 -18.30 26.25
CA PRO B 95 -11.26 -17.09 26.40
C PRO B 95 -10.37 -16.99 27.63
N THR B 96 -10.98 -16.99 28.81
CA THR B 96 -10.22 -16.87 30.06
C THR B 96 -9.29 -18.03 30.37
N GLU B 97 -9.47 -19.14 29.67
CA GLU B 97 -8.68 -20.34 29.89
C GLU B 97 -7.63 -20.65 28.82
N THR B 98 -7.62 -19.87 27.75
CA THR B 98 -6.68 -20.15 26.68
C THR B 98 -5.27 -19.61 26.86
N THR B 99 -4.30 -20.41 26.44
CA THR B 99 -2.90 -20.04 26.51
C THR B 99 -2.40 -19.88 25.07
N ILE B 100 -1.71 -18.77 24.82
CA ILE B 100 -1.19 -18.48 23.50
C ILE B 100 0.32 -18.64 23.45
N GLY B 101 0.80 -19.24 22.36
CA GLY B 101 2.23 -19.42 22.18
C GLY B 101 2.66 -18.77 20.88
N ILE B 102 3.89 -18.27 20.82
CA ILE B 102 4.40 -17.61 19.61
C ILE B 102 5.86 -17.95 19.32
N VAL B 103 6.17 -18.13 18.04
CA VAL B 103 7.52 -18.41 17.60
C VAL B 103 7.76 -17.76 16.24
N THR B 104 8.96 -17.19 16.08
CA THR B 104 9.35 -16.53 14.83
C THR B 104 10.52 -17.34 14.27
N CYS B 105 10.37 -17.84 13.04
CA CYS B 105 11.42 -18.66 12.44
C CYS B 105 11.91 -18.08 11.12
N GLY B 106 13.02 -18.63 10.61
CA GLY B 106 13.59 -18.18 9.35
C GLY B 106 14.42 -16.91 9.49
N GLY B 107 14.55 -16.16 8.40
CA GLY B 107 15.32 -14.93 8.44
C GLY B 107 14.46 -13.77 8.93
N ILE B 108 15.07 -12.82 9.62
CA ILE B 108 14.31 -11.68 10.15
C ILE B 108 13.96 -10.69 9.05
N CYS B 109 12.91 -9.91 9.30
CA CYS B 109 12.49 -8.88 8.38
C CYS B 109 11.70 -7.88 9.20
N PRO B 110 11.57 -6.63 8.71
CA PRO B 110 10.83 -5.61 9.46
C PRO B 110 9.43 -6.05 9.86
N GLY B 111 9.01 -5.67 11.07
CA GLY B 111 7.67 -6.02 11.52
C GLY B 111 7.48 -7.21 12.44
N LEU B 112 8.49 -8.06 12.60
CA LEU B 112 8.35 -9.21 13.49
C LEU B 112 7.89 -8.78 14.86
N ASN B 113 8.50 -7.75 15.42
CA ASN B 113 8.08 -7.30 16.74
C ASN B 113 6.65 -6.78 16.75
N ASP B 114 6.22 -6.17 15.65
CA ASP B 114 4.86 -5.65 15.56
C ASP B 114 3.88 -6.81 15.59
N VAL B 115 4.27 -7.92 14.96
CA VAL B 115 3.43 -9.10 14.93
C VAL B 115 3.33 -9.69 16.34
N ILE B 116 4.47 -9.84 17.01
CA ILE B 116 4.50 -10.39 18.37
C ILE B 116 3.64 -9.54 19.31
N ARG B 117 3.88 -8.24 19.26
CA ARG B 117 3.16 -7.29 20.10
C ARG B 117 1.66 -7.34 19.84
N SER B 118 1.27 -7.15 18.60
CA SER B 118 -0.14 -7.15 18.23
C SER B 118 -0.88 -8.42 18.65
N ILE B 119 -0.21 -9.58 18.52
CA ILE B 119 -0.81 -10.86 18.91
C ILE B 119 -1.05 -10.85 20.42
N THR B 120 0.03 -10.54 21.15
CA THR B 120 -0.01 -10.48 22.61
C THR B 120 -1.11 -9.57 23.15
N LEU B 121 -1.10 -8.32 22.71
CA LEU B 121 -2.10 -7.37 23.18
C LEU B 121 -3.54 -7.70 22.83
N THR B 122 -3.78 -8.29 21.65
CA THR B 122 -5.15 -8.63 21.25
C THR B 122 -5.66 -9.82 22.08
N GLY B 123 -4.77 -10.77 22.37
CA GLY B 123 -5.15 -11.92 23.17
C GLY B 123 -5.35 -11.47 24.61
N ILE B 124 -4.43 -10.65 25.11
CA ILE B 124 -4.51 -10.16 26.48
C ILE B 124 -5.60 -9.10 26.70
N ASN B 125 -5.90 -8.30 25.67
CA ASN B 125 -6.91 -7.26 25.84
C ASN B 125 -8.31 -7.54 25.30
N VAL B 126 -8.41 -8.33 24.24
CA VAL B 126 -9.73 -8.62 23.68
C VAL B 126 -10.27 -9.99 24.11
N TYR B 127 -9.39 -10.83 24.64
CA TYR B 127 -9.83 -12.16 25.05
C TYR B 127 -9.47 -12.51 26.49
N ASN B 128 -8.55 -11.74 27.07
CA ASN B 128 -8.14 -11.99 28.45
C ASN B 128 -7.60 -13.40 28.62
N VAL B 129 -6.91 -13.90 27.60
CA VAL B 129 -6.35 -15.24 27.67
C VAL B 129 -5.58 -15.42 28.97
N LYS B 130 -5.48 -16.67 29.43
CA LYS B 130 -4.81 -16.98 30.69
C LYS B 130 -3.33 -16.58 30.68
N ARG B 131 -2.69 -16.67 29.52
CA ARG B 131 -1.28 -16.31 29.40
C ARG B 131 -0.79 -16.37 27.96
N VAL B 132 0.29 -15.66 27.68
CA VAL B 132 0.89 -15.63 26.35
C VAL B 132 2.34 -16.09 26.53
N ILE B 133 2.79 -16.97 25.66
CA ILE B 133 4.14 -17.52 25.75
C ILE B 133 4.95 -17.32 24.47
N GLY B 134 6.20 -16.91 24.65
CA GLY B 134 7.08 -16.69 23.51
C GLY B 134 8.25 -17.63 23.54
N PHE B 135 8.32 -18.52 22.55
CA PHE B 135 9.39 -19.49 22.45
C PHE B 135 10.54 -18.81 21.70
N ARG B 136 11.77 -19.09 22.14
CA ARG B 136 12.95 -18.45 21.59
C ARG B 136 13.66 -19.12 20.43
N PHE B 137 14.20 -18.29 19.54
CA PHE B 137 14.98 -18.76 18.41
C PHE B 137 14.31 -19.83 17.56
N GLY B 138 13.10 -19.52 17.10
CA GLY B 138 12.38 -20.45 16.24
C GLY B 138 11.93 -21.73 16.93
N TYR B 139 11.81 -22.78 16.13
CA TYR B 139 11.37 -24.08 16.63
C TYR B 139 12.33 -24.67 17.66
N TRP B 140 13.57 -24.18 17.67
CA TRP B 140 14.55 -24.63 18.63
C TRP B 140 13.93 -24.46 20.02
N GLY B 141 13.32 -23.30 20.23
CA GLY B 141 12.69 -22.99 21.50
C GLY B 141 11.53 -23.88 21.88
N LEU B 142 11.16 -24.79 21.00
CA LEU B 142 10.05 -25.69 21.29
C LEU B 142 10.53 -27.11 21.65
N SER B 143 11.76 -27.42 21.28
CA SER B 143 12.33 -28.72 21.56
C SER B 143 12.73 -28.84 23.04
N LYS B 144 12.79 -30.08 23.53
CA LYS B 144 13.22 -30.31 24.91
C LYS B 144 14.63 -29.78 24.86
N LYS B 145 14.90 -28.77 25.69
CA LYS B 145 16.19 -28.10 25.74
C LYS B 145 15.84 -26.62 25.60
N GLY B 146 15.45 -26.24 24.39
CA GLY B 146 15.08 -24.86 24.12
C GLY B 146 13.86 -24.44 24.90
N SER B 147 12.93 -25.38 25.11
CA SER B 147 11.70 -25.09 25.84
C SER B 147 12.01 -24.36 27.15
N GLN B 148 13.25 -24.49 27.60
CA GLN B 148 13.72 -23.85 28.83
C GLN B 148 13.66 -22.32 28.75
N THR B 149 14.06 -21.77 27.61
CA THR B 149 14.09 -20.32 27.40
C THR B 149 12.74 -19.63 27.25
N ALA B 150 11.69 -20.38 26.90
CA ALA B 150 10.36 -19.81 26.73
C ALA B 150 10.08 -18.76 27.81
N ILE B 151 9.48 -17.63 27.40
CA ILE B 151 9.18 -16.55 28.33
C ILE B 151 7.70 -16.16 28.32
N GLU B 152 7.24 -15.61 29.43
CA GLU B 152 5.85 -15.18 29.55
C GLU B 152 5.72 -13.78 28.96
N LEU B 153 4.82 -13.61 28.00
CA LEU B 153 4.64 -12.33 27.37
C LEU B 153 3.44 -11.63 27.98
N HIS B 154 3.69 -10.48 28.60
CA HIS B 154 2.66 -9.68 29.24
C HIS B 154 2.70 -8.27 28.64
N ARG B 155 1.70 -7.44 28.93
CA ARG B 155 1.67 -6.09 28.38
C ARG B 155 3.00 -5.37 28.42
N GLY B 156 3.50 -5.12 29.62
CA GLY B 156 4.76 -4.41 29.80
C GLY B 156 5.95 -4.88 29.01
N ARG B 157 6.04 -6.19 28.78
CA ARG B 157 7.16 -6.76 28.04
C ARG B 157 7.09 -6.53 26.53
N VAL B 158 5.92 -6.17 26.04
CA VAL B 158 5.75 -5.99 24.60
C VAL B 158 5.25 -4.60 24.18
N THR B 159 4.90 -3.77 25.15
CA THR B 159 4.37 -2.44 24.86
C THR B 159 5.19 -1.50 23.98
N ASN B 160 6.51 -1.67 23.97
CA ASN B 160 7.37 -0.80 23.16
C ASN B 160 8.32 -1.50 22.18
N ILE B 161 8.14 -2.80 21.99
CA ILE B 161 9.02 -3.54 21.09
C ILE B 161 8.86 -3.22 19.61
N HIS B 162 7.78 -2.53 19.26
CA HIS B 162 7.52 -2.20 17.86
C HIS B 162 8.43 -1.10 17.33
N HIS B 163 9.38 -0.65 18.15
CA HIS B 163 10.31 0.38 17.71
C HIS B 163 11.66 -0.23 17.35
N TYR B 164 11.72 -1.57 17.36
CA TYR B 164 12.97 -2.27 17.07
C TYR B 164 12.88 -3.24 15.92
N GLY B 165 14.01 -3.46 15.27
CA GLY B 165 14.08 -4.41 14.17
C GLY B 165 14.30 -5.78 14.78
N GLY B 166 14.29 -6.81 13.94
CA GLY B 166 14.49 -8.16 14.42
C GLY B 166 13.31 -8.67 15.22
N THR B 167 13.57 -9.63 16.09
CA THR B 167 12.54 -10.21 16.93
C THR B 167 13.11 -10.33 18.33
N ILE B 168 12.31 -9.96 19.33
CA ILE B 168 12.78 -10.05 20.69
C ILE B 168 12.87 -11.53 21.09
N LEU B 169 11.98 -12.34 20.54
CA LEU B 169 11.95 -13.77 20.83
C LEU B 169 13.16 -14.48 20.27
N GLY B 170 13.71 -13.95 19.19
CA GLY B 170 14.86 -14.57 18.57
C GLY B 170 14.32 -15.48 17.48
N SER B 171 15.18 -15.91 16.57
CA SER B 171 14.75 -16.77 15.48
C SER B 171 15.84 -17.77 15.14
N SER B 172 15.53 -18.70 14.24
CA SER B 172 16.51 -19.69 13.79
C SER B 172 15.94 -20.46 12.62
N ARG B 173 16.82 -20.95 11.76
CA ARG B 173 16.40 -21.71 10.59
C ARG B 173 16.58 -23.19 10.87
N GLY B 174 15.67 -24.01 10.36
CA GLY B 174 15.77 -25.43 10.56
C GLY B 174 14.65 -26.01 11.41
N PRO B 175 14.25 -27.25 11.12
CA PRO B 175 13.17 -27.87 11.89
C PRO B 175 13.70 -28.61 13.12
N GLN B 176 12.76 -29.01 13.98
CA GLN B 176 13.06 -29.76 15.19
C GLN B 176 12.11 -30.95 15.15
N ASP B 177 12.23 -31.83 16.15
CA ASP B 177 11.35 -33.01 16.20
C ASP B 177 9.97 -32.58 16.69
N PRO B 178 8.93 -32.80 15.87
CA PRO B 178 7.55 -32.44 16.21
C PRO B 178 7.05 -33.10 17.49
N LYS B 179 7.63 -34.24 17.83
CA LYS B 179 7.24 -34.97 19.03
C LYS B 179 7.61 -34.13 20.24
N GLU B 180 8.86 -33.69 20.27
CA GLU B 180 9.37 -32.85 21.35
C GLU B 180 8.61 -31.54 21.46
N MET B 181 8.32 -30.93 20.31
CA MET B 181 7.62 -29.65 20.31
C MET B 181 6.21 -29.77 20.87
N VAL B 182 5.49 -30.82 20.50
CA VAL B 182 4.14 -31.00 21.01
C VAL B 182 4.20 -31.35 22.50
N ASP B 183 5.27 -32.03 22.92
CA ASP B 183 5.44 -32.37 24.35
C ASP B 183 5.48 -31.03 25.08
N THR B 184 6.23 -30.09 24.49
CA THR B 184 6.39 -28.76 25.04
C THR B 184 5.06 -28.01 25.10
N LEU B 185 4.34 -28.02 23.99
CA LEU B 185 3.05 -27.34 23.93
C LEU B 185 2.10 -27.93 24.96
N GLU B 186 2.08 -29.26 25.03
CA GLU B 186 1.22 -29.99 25.96
C GLU B 186 1.57 -29.67 27.42
N ARG B 187 2.86 -29.62 27.73
CA ARG B 187 3.33 -29.33 29.09
C ARG B 187 2.96 -27.90 29.50
N LEU B 188 3.16 -26.96 28.59
CA LEU B 188 2.85 -25.56 28.87
C LEU B 188 1.38 -25.23 28.65
N GLY B 189 0.62 -26.22 28.20
CA GLY B 189 -0.80 -26.02 27.96
C GLY B 189 -1.20 -24.99 26.91
N VAL B 190 -0.53 -25.02 25.76
CA VAL B 190 -0.85 -24.08 24.68
C VAL B 190 -2.06 -24.51 23.87
N ASN B 191 -2.99 -23.58 23.68
CA ASN B 191 -4.19 -23.86 22.90
C ASN B 191 -3.99 -23.36 21.49
N ILE B 192 -3.20 -22.30 21.35
CA ILE B 192 -2.92 -21.73 20.04
C ILE B 192 -1.44 -21.41 19.88
N LEU B 193 -0.86 -21.88 18.78
CA LEU B 193 0.53 -21.62 18.49
C LEU B 193 0.57 -20.85 17.17
N PHE B 194 1.12 -19.64 17.22
CA PHE B 194 1.24 -18.79 16.04
C PHE B 194 2.66 -18.96 15.50
N THR B 195 2.74 -19.38 14.25
CA THR B 195 4.01 -19.59 13.59
C THR B 195 4.27 -18.47 12.59
N VAL B 196 5.25 -17.63 12.89
CA VAL B 196 5.62 -16.51 12.05
C VAL B 196 6.86 -16.92 11.26
N GLY B 197 6.72 -17.12 9.95
CA GLY B 197 7.87 -17.52 9.15
C GLY B 197 7.54 -17.77 7.68
N GLY B 198 8.53 -18.23 6.94
CA GLY B 198 8.34 -18.53 5.53
C GLY B 198 7.54 -19.82 5.34
N ASP B 199 7.40 -20.27 4.10
CA ASP B 199 6.64 -21.49 3.86
C ASP B 199 7.33 -22.70 4.50
N GLY B 200 8.61 -22.55 4.83
CA GLY B 200 9.33 -23.63 5.47
C GLY B 200 8.83 -23.78 6.90
N THR B 201 8.70 -22.67 7.62
CA THR B 201 8.22 -22.74 8.98
C THR B 201 6.73 -23.11 8.99
N GLN B 202 6.02 -22.81 7.92
CA GLN B 202 4.61 -23.15 7.86
C GLN B 202 4.46 -24.64 7.56
N ARG B 203 5.35 -25.20 6.74
CA ARG B 203 5.31 -26.62 6.46
C ARG B 203 5.49 -27.36 7.80
N GLY B 204 6.37 -26.83 8.64
CA GLY B 204 6.63 -27.43 9.93
C GLY B 204 5.45 -27.24 10.87
N ALA B 205 4.69 -26.16 10.64
CA ALA B 205 3.52 -25.86 11.44
C ALA B 205 2.47 -26.94 11.18
N LEU B 206 2.35 -27.37 9.92
CA LEU B 206 1.39 -28.41 9.59
C LEU B 206 1.79 -29.70 10.31
N VAL B 207 3.08 -30.01 10.31
CA VAL B 207 3.58 -31.22 10.97
C VAL B 207 3.33 -31.17 12.48
N ILE B 208 3.29 -29.97 13.05
CA ILE B 208 3.03 -29.81 14.48
C ILE B 208 1.54 -29.98 14.73
N SER B 209 0.74 -29.44 13.81
CA SER B 209 -0.71 -29.51 13.92
C SER B 209 -1.18 -30.96 13.81
N GLN B 210 -0.51 -31.72 12.94
CA GLN B 210 -0.85 -33.12 12.71
C GLN B 210 -0.50 -34.02 13.92
N GLU B 211 0.68 -33.80 14.50
CA GLU B 211 1.09 -34.59 15.66
C GLU B 211 0.13 -34.34 16.82
N ALA B 212 -0.26 -33.09 17.02
CA ALA B 212 -1.18 -32.71 18.08
C ALA B 212 -2.56 -33.35 17.94
N LYS B 213 -3.10 -33.32 16.72
CA LYS B 213 -4.40 -33.92 16.47
C LYS B 213 -4.32 -35.42 16.70
N ARG B 214 -3.15 -35.97 16.42
CA ARG B 214 -2.88 -37.40 16.58
C ARG B 214 -2.97 -37.76 18.07
N ARG B 215 -2.64 -36.81 18.95
CA ARG B 215 -2.71 -37.06 20.39
C ARG B 215 -4.05 -36.62 20.99
N GLY B 216 -4.90 -36.01 20.17
CA GLY B 216 -6.19 -35.56 20.68
C GLY B 216 -6.11 -34.29 21.50
N VAL B 217 -5.02 -33.56 21.33
CA VAL B 217 -4.84 -32.30 22.06
C VAL B 217 -5.59 -31.18 21.33
N ASP B 218 -6.30 -30.38 22.10
CA ASP B 218 -7.08 -29.27 21.58
C ASP B 218 -6.22 -28.03 21.30
N ILE B 219 -5.39 -28.09 20.26
CA ILE B 219 -4.54 -26.96 19.92
C ILE B 219 -4.59 -26.56 18.46
N SER B 220 -4.64 -25.23 18.25
CA SER B 220 -4.65 -24.67 16.92
C SER B 220 -3.25 -24.17 16.60
N VAL B 221 -2.82 -24.41 15.36
CA VAL B 221 -1.52 -23.95 14.89
C VAL B 221 -1.90 -23.00 13.76
N PHE B 222 -1.58 -21.71 13.94
CA PHE B 222 -1.93 -20.67 12.97
C PHE B 222 -0.69 -19.91 12.51
N GLY B 223 -0.49 -19.87 11.19
CA GLY B 223 0.68 -19.19 10.67
C GLY B 223 0.47 -17.77 10.20
N VAL B 224 1.52 -16.97 10.31
CA VAL B 224 1.52 -15.59 9.86
C VAL B 224 2.71 -15.54 8.92
N PRO B 225 2.46 -15.47 7.61
CA PRO B 225 3.48 -15.43 6.56
C PRO B 225 4.57 -14.36 6.71
N LYS B 226 5.80 -14.75 6.43
CA LYS B 226 6.94 -13.86 6.52
C LYS B 226 7.88 -14.04 5.33
N THR B 227 8.10 -12.94 4.60
CA THR B 227 8.98 -12.92 3.44
C THR B 227 9.12 -11.49 2.95
N ILE B 228 10.35 -11.00 2.90
CA ILE B 228 10.56 -9.63 2.42
C ILE B 228 10.28 -9.62 0.94
N ASP B 229 10.58 -10.75 0.30
CA ASP B 229 10.40 -10.93 -1.15
C ASP B 229 8.98 -10.75 -1.69
N ASN B 230 7.97 -11.01 -0.86
CA ASN B 230 6.57 -10.89 -1.28
C ASN B 230 6.37 -12.03 -2.30
N ASP B 231 7.03 -13.15 -2.01
CA ASP B 231 7.04 -14.38 -2.80
C ASP B 231 5.78 -15.25 -2.59
N LEU B 232 5.14 -15.05 -1.44
CA LEU B 232 3.95 -15.79 -1.03
C LEU B 232 2.73 -15.70 -1.95
N SER B 233 2.27 -16.86 -2.43
CA SER B 233 1.11 -16.92 -3.32
C SER B 233 -0.17 -16.52 -2.60
N PHE B 234 -1.28 -16.48 -3.33
CA PHE B 234 -2.57 -16.10 -2.77
C PHE B 234 -2.39 -14.86 -1.92
N SER B 235 -1.46 -14.01 -2.32
CA SER B 235 -1.15 -12.79 -1.60
C SER B 235 -0.64 -11.73 -2.57
N HIS B 236 -0.97 -10.48 -2.29
CA HIS B 236 -0.55 -9.36 -3.12
C HIS B 236 0.48 -8.52 -2.35
N ARG B 237 0.61 -8.79 -1.05
CA ARG B 237 1.55 -8.07 -0.20
C ARG B 237 1.81 -8.76 1.14
N THR B 238 3.08 -8.87 1.53
CA THR B 238 3.47 -9.47 2.82
C THR B 238 4.16 -8.41 3.68
N PHE B 239 4.05 -8.50 4.99
CA PHE B 239 4.69 -7.50 5.86
C PHE B 239 6.21 -7.45 5.75
N GLY B 240 6.74 -6.23 5.73
CA GLY B 240 8.17 -6.03 5.61
C GLY B 240 8.54 -5.59 4.21
N PHE B 241 7.77 -6.05 3.24
CA PHE B 241 8.02 -5.73 1.84
C PHE B 241 8.08 -4.24 1.50
N GLN B 242 7.18 -3.43 2.08
CA GLN B 242 7.21 -2.00 1.79
C GLN B 242 8.38 -1.28 2.45
N THR B 243 8.78 -1.72 3.64
CA THR B 243 9.90 -1.10 4.33
C THR B 243 11.16 -1.33 3.49
N ALA B 244 11.28 -2.55 2.99
CA ALA B 244 12.41 -2.97 2.16
C ALA B 244 12.58 -2.08 0.93
N VAL B 245 11.48 -1.77 0.26
CA VAL B 245 11.54 -0.93 -0.93
C VAL B 245 12.08 0.45 -0.55
N GLU B 246 11.63 0.96 0.59
CA GLU B 246 12.08 2.25 1.09
C GLU B 246 13.59 2.26 1.28
N LYS B 247 14.10 1.24 1.98
CA LYS B 247 15.54 1.15 2.27
C LYS B 247 16.33 0.83 1.01
N ALA B 248 15.75 0.02 0.14
CA ALA B 248 16.43 -0.33 -1.11
C ALA B 248 16.63 0.94 -1.92
N VAL B 249 15.63 1.81 -1.92
CA VAL B 249 15.72 3.06 -2.66
C VAL B 249 16.82 3.95 -2.09
N GLN B 250 16.95 3.97 -0.77
CA GLN B 250 18.02 4.76 -0.14
C GLN B 250 19.38 4.23 -0.60
N ALA B 251 19.50 2.90 -0.66
CA ALA B 251 20.73 2.24 -1.09
C ALA B 251 21.04 2.65 -2.53
N ILE B 252 20.01 2.65 -3.38
CA ILE B 252 20.20 3.03 -4.76
C ILE B 252 20.67 4.49 -4.83
N ARG B 253 20.14 5.34 -3.95
CA ARG B 253 20.53 6.76 -3.90
C ARG B 253 22.04 6.83 -3.68
N ALA B 254 22.53 6.05 -2.74
CA ALA B 254 23.96 6.01 -2.44
C ALA B 254 24.76 5.49 -3.63
N ALA B 255 24.23 4.46 -4.30
CA ALA B 255 24.91 3.90 -5.45
C ALA B 255 25.01 4.96 -6.57
N TYR B 256 23.94 5.70 -6.77
CA TYR B 256 23.91 6.74 -7.78
C TYR B 256 24.93 7.83 -7.41
N ALA B 257 24.88 8.27 -6.16
CA ALA B 257 25.82 9.29 -5.71
C ALA B 257 27.25 8.87 -6.05
N GLU B 258 27.63 7.65 -5.69
CA GLU B 258 28.95 7.12 -5.96
C GLU B 258 29.23 7.07 -7.46
N ALA B 259 28.28 6.53 -8.21
CA ALA B 259 28.47 6.38 -9.65
C ALA B 259 28.65 7.71 -10.36
N VAL B 260 27.79 8.68 -10.06
CA VAL B 260 27.85 9.97 -10.70
C VAL B 260 29.11 10.75 -10.30
N SER B 261 29.70 10.40 -9.16
CA SER B 261 30.91 11.08 -8.66
C SER B 261 32.22 10.59 -9.29
N ALA B 262 32.15 9.55 -10.11
CA ALA B 262 33.36 8.99 -10.72
C ALA B 262 33.30 8.93 -12.24
N ASN B 263 34.41 9.19 -12.90
CA ASN B 263 34.42 9.11 -14.35
C ASN B 263 34.22 7.62 -14.68
N TYR B 264 33.17 7.31 -15.44
CA TYR B 264 32.85 5.93 -15.77
C TYR B 264 32.74 5.09 -14.50
N GLY B 265 31.86 5.55 -13.61
CA GLY B 265 31.63 4.86 -12.37
C GLY B 265 30.44 3.92 -12.47
N VAL B 266 30.56 2.80 -11.78
CA VAL B 266 29.54 1.79 -11.75
C VAL B 266 29.17 1.51 -10.29
N GLY B 267 27.90 1.68 -9.97
CA GLY B 267 27.45 1.41 -8.62
C GLY B 267 26.63 0.14 -8.68
N VAL B 268 27.09 -0.90 -8.01
CA VAL B 268 26.38 -2.18 -7.99
C VAL B 268 25.68 -2.35 -6.65
N VAL B 269 24.36 -2.53 -6.69
CA VAL B 269 23.55 -2.70 -5.48
C VAL B 269 22.84 -4.06 -5.46
N LYS B 270 23.09 -4.82 -4.41
CA LYS B 270 22.45 -6.13 -4.26
C LYS B 270 21.18 -5.98 -3.43
N LEU B 271 20.08 -6.57 -3.90
CA LEU B 271 18.83 -6.49 -3.16
C LEU B 271 18.20 -7.87 -2.90
N MET B 272 17.37 -7.95 -1.86
CA MET B 272 16.70 -9.19 -1.51
C MET B 272 15.97 -9.68 -2.76
N GLY B 273 15.80 -10.99 -2.88
CA GLY B 273 15.13 -11.54 -4.03
C GLY B 273 15.69 -12.89 -4.41
N ARG B 274 15.44 -13.89 -3.56
CA ARG B 274 15.93 -15.23 -3.80
C ARG B 274 15.41 -15.86 -5.09
N ASP B 275 14.09 -15.87 -5.26
CA ASP B 275 13.47 -16.45 -6.45
C ASP B 275 12.62 -15.43 -7.20
N SER B 276 12.41 -14.26 -6.61
CA SER B 276 11.62 -13.23 -7.24
C SER B 276 12.33 -11.88 -7.14
N GLY B 277 11.98 -10.96 -8.03
CA GLY B 277 12.61 -9.65 -8.03
C GLY B 277 11.64 -8.51 -7.82
N PHE B 278 10.64 -8.73 -6.98
CA PHE B 278 9.64 -7.71 -6.69
C PHE B 278 10.25 -6.46 -6.05
N ILE B 279 11.12 -6.66 -5.05
CA ILE B 279 11.76 -5.55 -4.38
C ILE B 279 12.67 -4.78 -5.34
N ALA B 280 13.50 -5.49 -6.08
CA ALA B 280 14.41 -4.87 -7.03
C ALA B 280 13.62 -4.09 -8.08
N ALA B 281 12.61 -4.71 -8.65
CA ALA B 281 11.80 -4.03 -9.66
C ALA B 281 11.11 -2.78 -9.08
N GLN B 282 10.40 -2.93 -7.97
CA GLN B 282 9.74 -1.77 -7.37
C GLN B 282 10.75 -0.68 -7.00
N ALA B 283 11.89 -1.07 -6.39
CA ALA B 283 12.90 -0.09 -6.01
C ALA B 283 13.52 0.58 -7.24
N ALA B 284 13.54 -0.14 -8.35
CA ALA B 284 14.08 0.41 -9.58
C ALA B 284 13.16 1.52 -10.08
N VAL B 285 11.85 1.28 -10.07
CA VAL B 285 10.92 2.29 -10.55
C VAL B 285 10.79 3.45 -9.56
N ALA B 286 10.65 3.12 -8.28
CA ALA B 286 10.55 4.13 -7.24
C ALA B 286 11.74 5.12 -7.29
N SER B 287 12.95 4.60 -7.44
CA SER B 287 14.13 5.47 -7.49
C SER B 287 14.30 6.15 -8.84
N ALA B 288 13.91 5.46 -9.91
CA ALA B 288 14.04 5.97 -11.26
C ALA B 288 15.51 6.26 -11.56
N GLN B 289 16.42 5.62 -10.82
CA GLN B 289 17.84 5.84 -11.00
C GLN B 289 18.66 4.62 -11.41
N ALA B 290 17.99 3.49 -11.63
CA ALA B 290 18.70 2.28 -12.04
C ALA B 290 18.88 2.26 -13.56
N ASN B 291 20.05 1.85 -14.00
CA ASN B 291 20.32 1.75 -15.44
C ASN B 291 20.22 0.30 -15.92
N ILE B 292 20.42 -0.63 -15.00
CA ILE B 292 20.33 -2.04 -15.30
C ILE B 292 19.75 -2.72 -14.06
N CYS B 293 18.74 -3.55 -14.27
CA CYS B 293 18.07 -4.26 -13.19
C CYS B 293 18.06 -5.75 -13.51
N LEU B 294 18.88 -6.51 -12.79
CA LEU B 294 19.00 -7.95 -12.98
C LEU B 294 18.23 -8.68 -11.91
N VAL B 295 17.24 -9.46 -12.34
CA VAL B 295 16.39 -10.21 -11.41
C VAL B 295 16.38 -11.70 -11.72
N PRO B 296 16.00 -12.53 -10.72
CA PRO B 296 15.98 -13.98 -10.95
C PRO B 296 15.01 -14.47 -12.03
N GLU B 297 13.99 -13.68 -12.37
CA GLU B 297 13.02 -14.09 -13.41
C GLU B 297 13.54 -13.83 -14.81
N ASN B 298 14.74 -13.28 -14.92
CA ASN B 298 15.28 -12.98 -16.24
C ASN B 298 16.78 -13.21 -16.29
N PRO B 299 17.23 -14.45 -16.03
CA PRO B 299 18.66 -14.71 -16.07
C PRO B 299 19.24 -14.33 -17.42
N ILE B 300 20.46 -13.80 -17.41
CA ILE B 300 21.12 -13.42 -18.65
C ILE B 300 22.62 -13.57 -18.48
N SER B 301 23.30 -13.69 -19.61
CA SER B 301 24.74 -13.88 -19.64
C SER B 301 25.50 -12.66 -19.17
N GLU B 302 26.73 -12.89 -18.70
CA GLU B 302 27.57 -11.80 -18.25
C GLU B 302 27.95 -10.99 -19.50
N GLN B 303 27.95 -11.66 -20.64
CA GLN B 303 28.26 -11.01 -21.90
C GLN B 303 27.19 -9.95 -22.19
N GLU B 304 25.93 -10.29 -21.94
CA GLU B 304 24.86 -9.35 -22.18
C GLU B 304 24.90 -8.19 -21.19
N VAL B 305 25.17 -8.50 -19.93
CA VAL B 305 25.26 -7.48 -18.91
C VAL B 305 26.36 -6.51 -19.29
N MET B 306 27.49 -7.04 -19.76
CA MET B 306 28.59 -6.18 -20.16
C MET B 306 28.22 -5.34 -21.37
N SER B 307 27.37 -5.88 -22.25
CA SER B 307 26.93 -5.14 -23.44
C SER B 307 25.95 -4.04 -23.06
N LEU B 308 25.19 -4.25 -22.00
CA LEU B 308 24.24 -3.25 -21.54
C LEU B 308 25.03 -2.12 -20.89
N LEU B 309 26.07 -2.50 -20.14
CA LEU B 309 26.92 -1.53 -19.48
C LEU B 309 27.67 -0.68 -20.51
N GLU B 310 28.17 -1.34 -21.55
CA GLU B 310 28.89 -0.64 -22.59
C GLU B 310 27.96 0.35 -23.29
N ARG B 311 26.72 -0.10 -23.54
CA ARG B 311 25.74 0.75 -24.21
C ARG B 311 25.54 2.02 -23.37
N ARG B 312 25.37 1.83 -22.06
CA ARG B 312 25.17 2.93 -21.14
C ARG B 312 26.35 3.91 -21.19
N PHE B 313 27.57 3.38 -21.13
CA PHE B 313 28.77 4.21 -21.18
C PHE B 313 29.01 4.91 -22.51
N CYS B 314 28.24 4.56 -23.52
CA CYS B 314 28.40 5.23 -24.82
C CYS B 314 27.82 6.62 -24.72
N HIS B 315 26.85 6.81 -23.84
CA HIS B 315 26.20 8.11 -23.70
C HIS B 315 26.15 8.65 -22.27
N SER B 316 26.99 8.12 -21.39
CA SER B 316 27.00 8.57 -20.01
C SER B 316 28.28 8.14 -19.31
N ARG B 317 28.59 8.77 -18.19
CA ARG B 317 29.78 8.43 -17.43
C ARG B 317 29.42 7.70 -16.15
N SER B 318 28.14 7.37 -15.98
CA SER B 318 27.68 6.69 -14.77
C SER B 318 26.77 5.51 -15.03
N CYS B 319 26.82 4.52 -14.16
CA CYS B 319 25.94 3.38 -14.31
C CYS B 319 25.58 2.72 -13.01
N VAL B 320 24.28 2.63 -12.75
CA VAL B 320 23.79 1.99 -11.53
C VAL B 320 23.25 0.62 -11.94
N ILE B 321 23.70 -0.42 -11.27
CA ILE B 321 23.23 -1.75 -11.58
C ILE B 321 22.61 -2.38 -10.36
N ILE B 322 21.33 -2.72 -10.47
CA ILE B 322 20.61 -3.37 -9.39
C ILE B 322 20.65 -4.85 -9.69
N VAL B 323 20.90 -5.67 -8.67
CA VAL B 323 20.95 -7.11 -8.87
C VAL B 323 20.34 -7.84 -7.68
N ALA B 324 19.40 -8.72 -7.96
CA ALA B 324 18.72 -9.49 -6.93
C ALA B 324 19.61 -10.67 -6.55
N GLU B 325 19.57 -11.06 -5.27
CA GLU B 325 20.39 -12.17 -4.80
C GLU B 325 20.21 -13.49 -5.56
N GLY B 326 19.04 -13.69 -6.16
CA GLY B 326 18.80 -14.91 -6.88
C GLY B 326 19.18 -14.88 -8.36
N PHE B 327 19.73 -13.76 -8.82
CA PHE B 327 20.13 -13.65 -10.20
C PHE B 327 21.51 -14.26 -10.45
N GLY B 328 21.77 -14.64 -11.70
CA GLY B 328 23.04 -15.21 -12.08
C GLY B 328 23.55 -16.38 -11.26
N GLN B 329 22.67 -17.33 -10.93
CA GLN B 329 23.10 -18.48 -10.15
C GLN B 329 23.85 -19.49 -11.01
N ASP B 330 23.69 -19.38 -12.32
CA ASP B 330 24.38 -20.24 -13.27
C ASP B 330 25.55 -19.46 -13.86
N TRP B 331 26.23 -18.71 -12.99
CA TRP B 331 27.38 -17.88 -13.37
C TRP B 331 28.69 -18.44 -12.81
N LYS B 344 18.56 -25.14 0.89
CA LYS B 344 19.69 -25.07 -0.04
C LYS B 344 19.57 -23.80 -0.88
N LYS B 345 20.68 -23.11 -1.11
CA LYS B 345 20.63 -21.88 -1.89
C LYS B 345 21.81 -21.45 -2.76
N LEU B 346 21.91 -20.13 -2.94
CA LEU B 346 22.87 -19.45 -3.80
C LEU B 346 24.25 -19.01 -3.33
N ILE B 347 24.99 -18.47 -4.30
CA ILE B 347 26.34 -17.94 -4.13
C ILE B 347 26.25 -16.41 -4.28
N ASP B 348 27.13 -15.68 -3.60
CA ASP B 348 27.11 -14.21 -3.64
C ASP B 348 27.31 -13.61 -5.02
N ILE B 349 26.21 -13.33 -5.71
CA ILE B 349 26.25 -12.77 -7.05
C ILE B 349 26.67 -11.30 -7.05
N GLY B 350 26.51 -10.62 -5.91
CA GLY B 350 26.91 -9.23 -5.83
C GLY B 350 28.43 -9.12 -5.99
N VAL B 351 29.15 -10.04 -5.37
CA VAL B 351 30.61 -10.07 -5.46
C VAL B 351 31.08 -10.52 -6.84
N ILE B 352 30.46 -11.60 -7.34
CA ILE B 352 30.82 -12.12 -8.66
C ILE B 352 30.66 -11.04 -9.72
N LEU B 353 29.47 -10.44 -9.74
CA LEU B 353 29.17 -9.40 -10.71
C LEU B 353 30.18 -8.26 -10.66
N THR B 354 30.47 -7.78 -9.46
CA THR B 354 31.43 -6.69 -9.28
C THR B 354 32.79 -7.08 -9.82
N GLU B 355 33.21 -8.29 -9.47
CA GLU B 355 34.50 -8.82 -9.88
C GLU B 355 34.63 -8.81 -11.40
N LYS B 356 33.56 -9.25 -12.07
CA LYS B 356 33.54 -9.31 -13.54
C LYS B 356 33.40 -7.95 -14.20
N VAL B 357 32.78 -7.00 -13.51
CA VAL B 357 32.64 -5.68 -14.11
C VAL B 357 34.00 -5.02 -14.09
N LYS B 358 34.73 -5.21 -12.99
CA LYS B 358 36.07 -4.65 -12.86
C LYS B 358 36.95 -5.25 -13.95
N ALA B 359 36.85 -6.56 -14.12
CA ALA B 359 37.65 -7.26 -15.14
C ALA B 359 37.27 -6.77 -16.53
N PHE B 360 35.99 -6.63 -16.78
CA PHE B 360 35.53 -6.16 -18.09
C PHE B 360 36.06 -4.76 -18.39
N LEU B 361 36.08 -3.90 -17.38
CA LEU B 361 36.57 -2.55 -17.56
C LEU B 361 38.09 -2.53 -17.71
N LYS B 362 38.78 -3.39 -16.98
CA LYS B 362 40.24 -3.47 -17.09
C LYS B 362 40.59 -3.82 -18.53
N ALA B 363 39.96 -4.88 -19.03
CA ALA B 363 40.21 -5.34 -20.40
C ALA B 363 39.94 -4.26 -21.42
N ASN B 364 39.19 -3.23 -21.05
CA ASN B 364 38.88 -2.15 -21.98
C ASN B 364 39.33 -0.80 -21.43
N LYS B 365 40.38 -0.81 -20.63
CA LYS B 365 40.92 0.41 -20.03
C LYS B 365 41.26 1.45 -21.10
N SER B 366 41.28 1.00 -22.35
CA SER B 366 41.58 1.90 -23.47
C SER B 366 40.36 2.76 -23.76
N ARG B 367 39.21 2.11 -23.90
CA ARG B 367 37.96 2.81 -24.18
C ARG B 367 37.53 3.64 -22.97
N TYR B 368 37.65 3.05 -21.79
CA TYR B 368 37.29 3.72 -20.55
C TYR B 368 38.58 3.98 -19.78
N PRO B 369 39.24 5.12 -20.05
CA PRO B 369 40.50 5.48 -19.38
C PRO B 369 40.51 5.11 -17.91
N ASP B 370 39.70 5.84 -17.15
CA ASP B 370 39.58 5.59 -15.72
C ASP B 370 38.18 5.09 -15.49
N SER B 371 38.04 4.13 -14.60
CA SER B 371 36.73 3.57 -14.29
C SER B 371 36.74 3.19 -12.81
N THR B 372 35.57 3.16 -12.20
CA THR B 372 35.48 2.81 -10.79
C THR B 372 34.26 1.95 -10.57
N VAL B 373 34.40 0.92 -9.76
CA VAL B 373 33.28 0.05 -9.46
C VAL B 373 33.10 0.00 -7.95
N LYS B 374 31.93 0.40 -7.48
CA LYS B 374 31.65 0.39 -6.05
C LYS B 374 30.55 -0.62 -5.85
N TYR B 375 30.71 -1.49 -4.85
CA TYR B 375 29.71 -2.50 -4.57
C TYR B 375 29.01 -2.22 -3.25
N ILE B 376 27.67 -2.30 -3.27
CA ILE B 376 26.88 -2.03 -2.08
C ILE B 376 25.95 -3.18 -1.72
N ASP B 377 26.14 -3.74 -0.54
CA ASP B 377 25.29 -4.81 -0.06
C ASP B 377 24.63 -4.36 1.24
N PRO B 378 23.44 -3.77 1.12
CA PRO B 378 22.65 -3.26 2.25
C PRO B 378 21.68 -4.31 2.81
N SER B 379 21.92 -5.56 2.48
CA SER B 379 21.07 -6.66 2.92
C SER B 379 20.61 -6.63 4.38
N TYR B 380 21.55 -6.72 5.32
CA TYR B 380 21.13 -6.75 6.71
C TYR B 380 20.56 -5.42 7.18
N MET B 381 20.85 -4.35 6.46
CA MET B 381 20.30 -3.06 6.85
C MET B 381 18.87 -2.90 6.37
N ILE B 382 18.45 -3.78 5.47
CA ILE B 382 17.10 -3.73 4.97
C ILE B 382 16.18 -4.55 5.87
N ARG B 383 16.56 -5.80 6.10
CA ARG B 383 15.74 -6.68 6.90
C ARG B 383 15.83 -6.53 8.40
N ALA B 384 16.81 -5.78 8.88
CA ALA B 384 16.99 -5.61 10.31
C ALA B 384 16.55 -4.26 10.87
N CYS B 385 15.87 -3.47 10.05
CA CYS B 385 15.42 -2.17 10.54
C CYS B 385 13.98 -2.21 11.01
N PRO B 386 13.56 -1.19 11.78
CA PRO B 386 12.18 -1.13 12.27
C PRO B 386 11.27 -0.97 11.05
N PRO B 387 9.99 -1.34 11.19
CA PRO B 387 9.08 -1.20 10.05
C PRO B 387 8.62 0.22 9.80
N SER B 388 8.24 0.50 8.56
CA SER B 388 7.71 1.81 8.22
C SER B 388 6.33 1.80 8.88
N ALA B 389 5.74 2.97 9.04
CA ALA B 389 4.43 3.06 9.68
C ALA B 389 3.41 2.17 8.98
N ASN B 390 3.38 2.25 7.65
CA ASN B 390 2.45 1.48 6.84
C ASN B 390 2.60 -0.04 7.06
N ASP B 391 3.83 -0.53 7.18
CA ASP B 391 4.03 -1.95 7.42
C ASP B 391 3.59 -2.24 8.86
N ALA B 392 3.80 -1.28 9.75
CA ALA B 392 3.42 -1.45 11.14
C ALA B 392 1.91 -1.71 11.14
N LEU B 393 1.16 -0.82 10.48
CA LEU B 393 -0.29 -0.98 10.39
C LEU B 393 -0.60 -2.37 9.88
N PHE B 394 0.05 -2.77 8.80
CA PHE B 394 -0.16 -4.07 8.20
C PHE B 394 0.08 -5.23 9.18
N CYS B 395 1.25 -5.25 9.82
CA CYS B 395 1.59 -6.30 10.76
C CYS B 395 0.57 -6.40 11.89
N ALA B 396 0.19 -5.24 12.42
CA ALA B 396 -0.79 -5.19 13.50
C ALA B 396 -2.11 -5.80 13.05
N THR B 397 -2.55 -5.46 11.84
CA THR B 397 -3.81 -5.97 11.31
C THR B 397 -3.79 -7.47 11.09
N LEU B 398 -2.72 -7.98 10.49
CA LEU B 398 -2.59 -9.41 10.25
C LEU B 398 -2.64 -10.14 11.59
N ALA B 399 -1.86 -9.65 12.55
CA ALA B 399 -1.79 -10.27 13.86
C ALA B 399 -3.14 -10.27 14.55
N THR B 400 -3.77 -9.11 14.64
CA THR B 400 -5.08 -9.00 15.27
C THR B 400 -6.07 -9.98 14.64
N LEU B 401 -6.04 -10.12 13.32
CA LEU B 401 -6.95 -11.03 12.66
C LEU B 401 -6.56 -12.50 12.88
N ALA B 402 -5.27 -12.76 13.08
CA ALA B 402 -4.81 -14.14 13.34
C ALA B 402 -5.45 -14.66 14.62
N VAL B 403 -5.41 -13.85 15.67
CA VAL B 403 -5.98 -14.22 16.94
C VAL B 403 -7.50 -14.39 16.89
N HIS B 404 -8.18 -13.58 16.07
CA HIS B 404 -9.63 -13.69 15.95
C HIS B 404 -10.07 -15.00 15.31
N GLU B 405 -9.38 -15.40 14.25
CA GLU B 405 -9.73 -16.61 13.53
C GLU B 405 -9.24 -17.86 14.28
N ALA B 406 -8.10 -17.74 14.94
CA ALA B 406 -7.55 -18.85 15.70
C ALA B 406 -8.46 -19.12 16.91
N MET B 407 -8.79 -18.07 17.65
CA MET B 407 -9.66 -18.21 18.82
C MET B 407 -10.97 -18.87 18.41
N ALA B 408 -11.38 -18.64 17.17
CA ALA B 408 -12.60 -19.22 16.65
C ALA B 408 -12.34 -20.57 15.96
N GLY B 409 -11.25 -21.23 16.35
CA GLY B 409 -10.96 -22.55 15.81
C GLY B 409 -10.12 -22.75 14.57
N ALA B 410 -9.92 -21.72 13.74
CA ALA B 410 -9.13 -21.89 12.53
C ALA B 410 -7.76 -22.49 12.86
N THR B 411 -7.32 -23.44 12.02
CA THR B 411 -6.04 -24.08 12.21
C THR B 411 -5.51 -24.60 10.88
N GLY B 412 -4.21 -24.81 10.80
CA GLY B 412 -3.59 -25.31 9.58
C GLY B 412 -3.59 -24.33 8.43
N CYS B 413 -3.87 -23.07 8.75
CA CYS B 413 -3.93 -22.01 7.77
C CYS B 413 -3.05 -20.82 8.13
N ILE B 414 -2.97 -19.86 7.21
CA ILE B 414 -2.22 -18.63 7.41
C ILE B 414 -3.16 -17.47 7.09
N ILE B 415 -2.87 -16.31 7.66
CA ILE B 415 -3.66 -15.11 7.38
C ILE B 415 -2.94 -14.45 6.21
N ALA B 416 -3.68 -13.85 5.29
CA ALA B 416 -3.07 -13.21 4.14
C ALA B 416 -3.93 -12.06 3.62
N MET B 417 -3.35 -11.25 2.74
CA MET B 417 -4.04 -10.10 2.16
C MET B 417 -4.07 -10.24 0.65
N ARG B 418 -5.27 -10.19 0.08
CA ARG B 418 -5.46 -10.31 -1.36
C ARG B 418 -6.59 -9.38 -1.81
N HIS B 419 -6.35 -8.65 -2.89
CA HIS B 419 -7.36 -7.71 -3.42
C HIS B 419 -7.83 -6.73 -2.38
N ASN B 420 -6.91 -6.26 -1.55
CA ASN B 420 -7.21 -5.30 -0.51
C ASN B 420 -8.07 -5.86 0.63
N ASN B 421 -8.25 -7.18 0.66
CA ASN B 421 -9.01 -7.80 1.73
C ASN B 421 -8.18 -8.84 2.45
N TYR B 422 -8.60 -9.20 3.65
CA TYR B 422 -7.90 -10.19 4.45
C TYR B 422 -8.57 -11.54 4.32
N ILE B 423 -7.77 -12.56 4.03
CA ILE B 423 -8.31 -13.90 3.83
C ILE B 423 -7.52 -14.96 4.56
N LEU B 424 -8.19 -16.10 4.79
CA LEU B 424 -7.57 -17.25 5.42
C LEU B 424 -7.24 -18.21 4.29
N VAL B 425 -6.07 -18.84 4.36
CA VAL B 425 -5.65 -19.77 3.32
C VAL B 425 -4.98 -20.98 3.95
N PRO B 426 -5.45 -22.20 3.62
CA PRO B 426 -4.80 -23.37 4.21
C PRO B 426 -3.33 -23.38 3.83
N ILE B 427 -2.48 -23.90 4.70
CA ILE B 427 -1.05 -23.97 4.45
C ILE B 427 -0.67 -24.77 3.20
N LYS B 428 -1.30 -25.94 3.02
CA LYS B 428 -1.01 -26.78 1.86
C LYS B 428 -1.18 -26.07 0.53
N VAL B 429 -2.08 -25.10 0.48
CA VAL B 429 -2.31 -24.35 -0.75
C VAL B 429 -1.28 -23.22 -0.87
N ALA B 430 -1.13 -22.46 0.20
CA ALA B 430 -0.19 -21.34 0.24
C ALA B 430 1.26 -21.72 -0.08
N THR B 431 1.68 -22.89 0.36
CA THR B 431 3.05 -23.34 0.13
C THR B 431 3.24 -24.18 -1.13
N SER B 432 2.18 -24.30 -1.94
CA SER B 432 2.27 -25.08 -3.17
C SER B 432 2.64 -24.22 -4.36
N VAL B 433 2.32 -22.93 -4.27
CA VAL B 433 2.62 -22.02 -5.35
C VAL B 433 3.32 -20.76 -4.81
N ARG B 434 4.02 -20.05 -5.68
CA ARG B 434 4.71 -18.83 -5.28
C ARG B 434 4.59 -17.74 -6.34
N ARG B 435 4.61 -16.49 -5.90
CA ARG B 435 4.51 -15.36 -6.83
C ARG B 435 5.87 -15.04 -7.41
N VAL B 436 5.87 -14.57 -8.66
CA VAL B 436 7.10 -14.21 -9.34
C VAL B 436 6.77 -13.06 -10.28
N LEU B 437 7.79 -12.32 -10.72
CA LEU B 437 7.56 -11.20 -11.63
C LEU B 437 7.00 -11.66 -12.97
N ASP B 438 6.13 -10.85 -13.54
CA ASP B 438 5.58 -11.14 -14.85
C ASP B 438 6.32 -10.20 -15.78
N LEU B 439 7.31 -10.70 -16.50
CA LEU B 439 8.09 -9.84 -17.38
C LEU B 439 7.26 -9.09 -18.41
N ARG B 440 5.95 -9.25 -18.36
CA ARG B 440 5.07 -8.57 -19.30
C ARG B 440 3.99 -7.75 -18.61
N GLY B 441 4.08 -7.64 -17.29
CA GLY B 441 3.13 -6.86 -16.52
C GLY B 441 3.50 -5.39 -16.58
N GLN B 442 2.72 -4.52 -15.94
CA GLN B 442 3.03 -3.10 -16.00
C GLN B 442 4.22 -2.69 -15.14
N LEU B 443 4.51 -3.46 -14.10
CA LEU B 443 5.66 -3.14 -13.25
C LEU B 443 6.95 -3.30 -14.05
N TRP B 444 7.18 -4.51 -14.53
CA TRP B 444 8.40 -4.80 -15.29
C TRP B 444 8.51 -3.95 -16.56
N ARG B 445 7.39 -3.66 -17.19
CA ARG B 445 7.41 -2.83 -18.38
C ARG B 445 7.97 -1.46 -18.00
N GLN B 446 7.66 -0.98 -16.82
CA GLN B 446 8.19 0.31 -16.37
C GLN B 446 9.70 0.28 -16.14
N VAL B 447 10.22 -0.81 -15.57
CA VAL B 447 11.66 -0.83 -15.36
C VAL B 447 12.39 -1.00 -16.71
N ARG B 448 11.76 -1.66 -17.67
CA ARG B 448 12.36 -1.84 -18.99
C ARG B 448 12.56 -0.48 -19.68
N GLU B 449 11.56 0.38 -19.56
CA GLU B 449 11.59 1.72 -20.13
C GLU B 449 12.65 2.60 -19.48
N ILE B 450 12.80 2.45 -18.17
CA ILE B 450 13.77 3.23 -17.41
C ILE B 450 15.20 2.76 -17.64
N THR B 451 15.38 1.44 -17.76
CA THR B 451 16.71 0.88 -17.99
C THR B 451 17.19 0.94 -19.44
N VAL B 452 18.49 0.77 -19.62
CA VAL B 452 19.12 0.77 -20.93
C VAL B 452 18.56 -0.39 -21.75
N ASP B 453 18.35 -0.16 -23.05
CA ASP B 453 17.82 -1.19 -23.92
C ASP B 453 18.88 -1.67 -24.93
N LEU B 454 18.90 -2.97 -25.20
CA LEU B 454 19.85 -3.56 -26.14
C LEU B 454 19.72 -3.00 -27.56
N GLY B 455 18.54 -3.16 -28.15
CA GLY B 455 18.29 -2.66 -29.48
C GLY B 455 18.31 -1.14 -29.53
#